data_7XSC
#
_entry.id   7XSC
#
_cell.length_a   87.420
_cell.length_b   109.186
_cell.length_c   174.827
_cell.angle_alpha   90.00
_cell.angle_beta   90.00
_cell.angle_gamma   90.00
#
_symmetry.space_group_name_H-M   'P 21 21 21'
#
loop_
_entity.id
_entity.type
_entity.pdbx_description
1 polymer 'P5S-2B10 Heavy chain'
2 polymer 'Spike protein S1'
3 polymer 'P5S-2B10 Light chain'
#
loop_
_entity_poly.entity_id
_entity_poly.type
_entity_poly.pdbx_seq_one_letter_code
_entity_poly.pdbx_strand_id
1 'polypeptide(L)'
;EVQLVESGGGLIQPGGSLRLSCVVSGFTVSSNYMSWIRQAPGKGLEWVSVIYSGGSTFYADSVKGRFTISRDSSQNTLYL
QMNSLRAEDTAVYYCARHPYGDHAWGQGTLVTVSSASTKGPSVFPLAPSSKSTSGGTAALGCLVKDYFPEPVTVSWNSGA
LTSGVHTFPAVLQSSGLYSLSSVVTVPSSSLGTQTYICNVNHKPSNTKVDKKVEPKSCDK
;
A,D
2 'polypeptide(L)'
;MLLVNQSHQGFNKEHTSKMVSAIVLYVLLAAAAHSAFAADPRVQPTESIVRFPNITNLCPFGEVFNATRFASVYAWNRKR
ISNCVADYSVLYNSASFSTFKCYGVSPTKLNDLCFTNVYADSFVIRGDEVRQIAPGQTGKIADYNYKLPDDFTGCVIAWN
SNNLDSKVGGNYNYLYRLFRKSNLKPFERDISTEIYQAGSTPCNGVEGFNCYFPLQSYGFQPTNGVGYQPYRVVVLSFEL
LHAPATVCGPKKHHHHHH
;
E,F
3 'polypeptide(L)'
;DIQMTQSPSPLSASVGDRVTITCQASQDIRNFLNWYQQKPGKAPKLLIHDASKLEAGVPSRFSGSGSGTDFTFTISSLQP
EDIATYYCQQYDNLPLTFGGGTKVEIKRTVAAPSVFIFPPSDEQLKSGTASVVCLLNNFYPREAKVQWKVDNALQSGNSQ
ESVTEQDSKDSTYSLSSTLTLSKADYEKHKVYACEVTHQGLSSPVTKSFNRGEC
;
B,H
#
# COMPACT_ATOMS: atom_id res chain seq x y z
N VAL A 2 -12.94 21.62 -28.27
CA VAL A 2 -12.00 22.34 -27.42
C VAL A 2 -10.57 22.18 -27.92
N GLN A 3 -9.85 23.29 -27.99
CA GLN A 3 -8.45 23.30 -28.40
C GLN A 3 -7.60 23.98 -27.34
N LEU A 4 -6.41 23.42 -27.13
CA LEU A 4 -5.37 24.01 -26.27
C LEU A 4 -4.08 23.98 -27.06
N VAL A 5 -3.41 25.12 -27.19
CA VAL A 5 -2.22 25.23 -28.03
C VAL A 5 -1.11 25.92 -27.23
N GLU A 6 -0.02 25.19 -27.00
CA GLU A 6 1.12 25.70 -26.27
C GLU A 6 2.14 26.33 -27.21
N SER A 7 2.88 27.31 -26.69
CA SER A 7 3.92 27.97 -27.48
C SER A 7 4.91 28.63 -26.52
N GLY A 8 6.04 29.05 -27.08
CA GLY A 8 7.06 29.75 -26.33
C GLY A 8 8.28 28.94 -25.95
N GLY A 9 8.40 27.70 -26.42
CA GLY A 9 9.46 26.81 -26.01
C GLY A 9 10.60 26.74 -27.01
N GLY A 10 11.79 26.49 -26.50
CA GLY A 10 12.97 26.36 -27.35
C GLY A 10 14.21 26.24 -26.50
N LEU A 11 15.35 26.51 -27.14
CA LEU A 11 16.62 26.45 -26.43
C LEU A 11 16.80 27.69 -25.56
N ILE A 12 17.44 27.49 -24.41
CA ILE A 12 17.73 28.60 -23.50
C ILE A 12 18.86 28.17 -22.57
N GLN A 13 19.77 29.11 -22.30
CA GLN A 13 20.93 28.78 -21.49
C GLN A 13 20.53 28.65 -20.02
N PRO A 14 21.18 27.75 -19.27
CA PRO A 14 20.85 27.59 -17.85
C PRO A 14 20.94 28.92 -17.12
N GLY A 15 19.92 29.17 -16.28
CA GLY A 15 19.78 30.42 -15.58
C GLY A 15 18.87 31.42 -16.25
N GLY A 16 18.40 31.14 -17.47
CA GLY A 16 17.57 32.05 -18.22
C GLY A 16 16.08 31.87 -17.94
N SER A 17 15.28 32.65 -18.66
CA SER A 17 13.85 32.70 -18.44
C SER A 17 13.10 32.49 -19.75
N LEU A 18 12.06 31.67 -19.71
CA LEU A 18 11.08 31.55 -20.77
C LEU A 18 9.68 31.76 -20.21
N ARG A 19 8.78 32.23 -21.07
CA ARG A 19 7.36 32.31 -20.74
C ARG A 19 6.59 31.46 -21.73
N LEU A 20 6.04 30.35 -21.27
CA LEU A 20 5.18 29.53 -22.09
C LEU A 20 3.76 30.12 -22.13
N SER A 21 3.03 29.79 -23.18
CA SER A 21 1.66 30.26 -23.36
C SER A 21 0.78 29.11 -23.76
N CYS A 22 -0.49 29.19 -23.38
CA CYS A 22 -1.49 28.18 -23.73
C CYS A 22 -2.78 28.93 -24.07
N VAL A 23 -3.15 28.93 -25.34
CA VAL A 23 -4.33 29.63 -25.82
C VAL A 23 -5.48 28.65 -25.89
N VAL A 24 -6.64 29.04 -25.35
CA VAL A 24 -7.76 28.14 -25.15
C VAL A 24 -8.90 28.53 -26.06
N SER A 25 -9.48 27.53 -26.74
CA SER A 25 -10.73 27.67 -27.46
C SER A 25 -11.68 26.59 -26.94
N GLY A 26 -12.83 27.00 -26.42
CA GLY A 26 -13.82 26.05 -25.93
C GLY A 26 -14.16 26.16 -24.46
N PHE A 27 -13.45 26.98 -23.67
CA PHE A 27 -13.82 27.24 -22.29
C PHE A 27 -13.10 28.50 -21.81
N THR A 28 -13.58 29.02 -20.69
CA THR A 28 -13.06 30.26 -20.13
C THR A 28 -11.93 29.93 -19.15
N VAL A 29 -10.71 30.36 -19.50
CA VAL A 29 -9.53 29.98 -18.73
C VAL A 29 -9.59 30.50 -17.30
N SER A 30 -10.33 31.57 -17.06
CA SER A 30 -10.41 32.18 -15.73
C SER A 30 -11.48 31.56 -14.85
N SER A 31 -12.26 30.60 -15.38
CA SER A 31 -13.30 29.94 -14.61
C SER A 31 -12.98 28.49 -14.30
N ASN A 32 -11.80 28.00 -14.70
CA ASN A 32 -11.54 26.57 -14.75
C ASN A 32 -10.24 26.25 -14.05
N TYR A 33 -10.15 25.02 -13.55
CA TYR A 33 -8.89 24.48 -13.02
C TYR A 33 -7.96 24.15 -14.18
N MET A 34 -6.72 24.61 -14.11
CA MET A 34 -5.76 24.29 -15.16
C MET A 34 -4.38 24.05 -14.57
N SER A 35 -3.64 23.13 -15.21
CA SER A 35 -2.36 22.68 -14.73
C SER A 35 -1.34 22.69 -15.85
N TRP A 36 -0.07 22.71 -15.45
CA TRP A 36 1.06 22.48 -16.34
C TRP A 36 1.69 21.14 -15.99
N ILE A 37 1.81 20.26 -16.97
CA ILE A 37 2.43 18.95 -16.80
C ILE A 37 3.53 18.81 -17.84
N ARG A 38 4.73 18.46 -17.39
CA ARG A 38 5.87 18.33 -18.26
C ARG A 38 6.33 16.87 -18.35
N GLN A 39 7.03 16.56 -19.44
CA GLN A 39 7.57 15.22 -19.66
C GLN A 39 8.98 15.38 -20.21
N ALA A 40 9.98 14.98 -19.42
CA ALA A 40 11.35 14.99 -19.89
C ALA A 40 11.52 13.95 -21.00
N PRO A 41 12.45 14.18 -21.92
CA PRO A 41 12.62 13.26 -23.06
C PRO A 41 12.98 11.85 -22.59
N GLY A 42 12.13 10.90 -22.97
CA GLY A 42 12.33 9.51 -22.60
C GLY A 42 11.78 9.11 -21.25
N LYS A 43 11.43 10.07 -20.39
CA LYS A 43 10.96 9.76 -19.04
C LYS A 43 9.44 9.84 -18.97
N GLY A 44 8.92 10.11 -17.77
CA GLY A 44 7.49 10.16 -17.54
C GLY A 44 6.97 11.55 -17.26
N LEU A 45 5.71 11.59 -16.84
CA LEU A 45 4.98 12.84 -16.64
C LEU A 45 5.18 13.37 -15.22
N GLU A 46 5.27 14.70 -15.10
CA GLU A 46 5.49 15.36 -13.82
C GLU A 46 4.59 16.59 -13.74
N TRP A 47 3.79 16.67 -12.69
CA TRP A 47 2.94 17.84 -12.47
C TRP A 47 3.79 19.00 -11.97
N VAL A 48 3.57 20.18 -12.53
CA VAL A 48 4.40 21.36 -12.27
C VAL A 48 3.61 22.43 -11.52
N SER A 49 2.48 22.86 -12.08
CA SER A 49 1.74 23.97 -11.50
C SER A 49 0.26 23.77 -11.76
N VAL A 50 -0.56 24.32 -10.87
CA VAL A 50 -2.00 24.37 -11.06
C VAL A 50 -2.50 25.74 -10.61
N ILE A 51 -3.49 26.26 -11.32
CA ILE A 51 -4.24 27.44 -10.89
C ILE A 51 -5.69 27.04 -10.71
N TYR A 52 -6.29 27.49 -9.62
CA TYR A 52 -7.64 27.11 -9.26
C TYR A 52 -8.66 28.03 -9.94
N SER A 53 -9.91 27.58 -9.96
CA SER A 53 -10.98 28.34 -10.59
C SER A 53 -11.02 29.78 -10.09
N GLY A 54 -10.70 29.99 -8.82
CA GLY A 54 -10.73 31.29 -8.18
C GLY A 54 -9.40 31.98 -8.01
N GLY A 55 -8.31 31.43 -8.56
CA GLY A 55 -7.05 32.14 -8.65
C GLY A 55 -5.93 31.60 -7.80
N SER A 56 -6.22 30.78 -6.78
CA SER A 56 -5.15 30.24 -5.95
C SER A 56 -4.24 29.33 -6.76
N THR A 57 -2.94 29.41 -6.49
CA THR A 57 -1.93 28.74 -7.28
C THR A 57 -1.09 27.82 -6.40
N PHE A 58 -0.70 26.67 -6.96
CA PHE A 58 0.09 25.68 -6.26
C PHE A 58 1.13 25.10 -7.20
N TYR A 59 2.28 24.75 -6.65
CA TYR A 59 3.44 24.36 -7.44
C TYR A 59 4.06 23.07 -6.91
N ALA A 60 4.72 22.35 -7.80
CA ALA A 60 5.59 21.26 -7.39
C ALA A 60 6.78 21.81 -6.62
N ASP A 61 7.42 20.94 -5.83
CA ASP A 61 8.56 21.38 -5.04
C ASP A 61 9.79 21.63 -5.92
N SER A 62 9.89 20.92 -7.04
CA SER A 62 11.03 21.11 -7.93
C SER A 62 11.01 22.45 -8.64
N VAL A 63 9.91 23.21 -8.56
CA VAL A 63 9.78 24.44 -9.36
C VAL A 63 9.37 25.64 -8.54
N LYS A 64 9.37 25.54 -7.22
CA LYS A 64 9.01 26.69 -6.40
C LYS A 64 10.05 27.81 -6.45
N GLY A 65 9.57 29.05 -6.28
CA GLY A 65 10.47 30.18 -6.33
C GLY A 65 11.02 30.46 -7.69
N ARG A 66 10.78 29.60 -8.67
CA ARG A 66 11.28 29.75 -10.02
C ARG A 66 10.17 29.82 -11.07
N PHE A 67 9.12 29.02 -10.92
CA PHE A 67 8.03 28.99 -11.89
C PHE A 67 6.83 29.72 -11.33
N THR A 68 6.13 30.46 -12.19
CA THR A 68 4.92 31.17 -11.82
C THR A 68 3.86 30.87 -12.87
N ILE A 69 2.66 30.54 -12.42
CA ILE A 69 1.54 30.27 -13.30
C ILE A 69 0.61 31.48 -13.26
N SER A 70 -0.06 31.74 -14.38
CA SER A 70 -0.90 32.92 -14.50
C SER A 70 -1.85 32.75 -15.68
N ARG A 71 -2.78 33.70 -15.78
CA ARG A 71 -3.88 33.72 -16.73
C ARG A 71 -4.18 35.14 -17.17
N ASP A 72 -4.72 35.27 -18.39
CA ASP A 72 -5.31 36.51 -18.86
C ASP A 72 -6.71 36.21 -19.38
N SER A 73 -7.72 36.81 -18.76
CA SER A 73 -9.09 36.59 -19.20
C SER A 73 -9.36 37.25 -20.55
N SER A 74 -8.65 38.32 -20.87
CA SER A 74 -8.87 39.02 -22.14
C SER A 74 -8.55 38.09 -23.32
N GLN A 75 -7.39 37.45 -23.28
CA GLN A 75 -6.93 36.64 -24.40
C GLN A 75 -7.21 35.15 -24.21
N ASN A 76 -7.83 34.75 -23.11
CA ASN A 76 -8.15 33.35 -22.83
C ASN A 76 -6.89 32.50 -22.88
N THR A 77 -5.84 32.96 -22.19
CA THR A 77 -4.53 32.35 -22.29
C THR A 77 -3.95 32.07 -20.92
N LEU A 78 -3.32 30.90 -20.78
CA LEU A 78 -2.60 30.51 -19.59
C LEU A 78 -1.11 30.67 -19.82
N TYR A 79 -0.39 31.08 -18.78
CA TYR A 79 1.04 31.39 -18.90
C TYR A 79 1.82 30.63 -17.82
N LEU A 80 3.07 30.31 -18.16
CA LEU A 80 4.02 29.74 -17.21
C LEU A 80 5.35 30.46 -17.37
N GLN A 81 5.66 31.33 -16.41
CA GLN A 81 6.91 32.07 -16.40
C GLN A 81 7.95 31.23 -15.69
N MET A 82 8.97 30.83 -16.42
CA MET A 82 9.97 29.89 -15.93
C MET A 82 11.28 30.65 -15.76
N ASN A 83 11.66 30.90 -14.51
CA ASN A 83 12.89 31.63 -14.25
C ASN A 83 13.96 30.69 -13.70
N SER A 84 15.22 31.15 -13.80
CA SER A 84 16.35 30.43 -13.21
C SER A 84 16.39 28.98 -13.69
N LEU A 85 16.29 28.80 -15.00
CA LEU A 85 16.08 27.47 -15.56
C LEU A 85 17.29 26.57 -15.35
N ARG A 86 17.00 25.28 -15.17
CA ARG A 86 18.02 24.27 -14.96
C ARG A 86 17.83 23.17 -16.00
N ALA A 87 18.93 22.44 -16.28
CA ALA A 87 18.89 21.38 -17.28
C ALA A 87 17.79 20.36 -16.98
N GLU A 88 17.51 20.12 -15.69
CA GLU A 88 16.45 19.20 -15.30
C GLU A 88 15.07 19.68 -15.72
N ASP A 89 14.92 20.96 -16.08
CA ASP A 89 13.66 21.49 -16.58
C ASP A 89 13.48 21.27 -18.08
N THR A 90 14.40 20.53 -18.71
CA THR A 90 14.27 20.20 -20.12
C THR A 90 13.13 19.19 -20.31
N ALA A 91 12.07 19.60 -21.00
CA ALA A 91 10.91 18.74 -21.14
C ALA A 91 9.94 19.34 -22.15
N VAL A 92 9.04 18.49 -22.62
CA VAL A 92 7.82 18.95 -23.29
C VAL A 92 6.82 19.34 -22.22
N TYR A 93 6.24 20.53 -22.33
CA TYR A 93 5.34 21.08 -21.33
C TYR A 93 3.93 21.12 -21.89
N TYR A 94 2.98 20.57 -21.13
CA TYR A 94 1.58 20.51 -21.54
C TYR A 94 0.72 21.36 -20.61
N CYS A 95 -0.27 22.04 -21.18
CA CYS A 95 -1.32 22.67 -20.41
C CYS A 95 -2.57 21.79 -20.46
N ALA A 96 -3.44 21.97 -19.47
CA ALA A 96 -4.60 21.10 -19.34
C ALA A 96 -5.62 21.74 -18.44
N ARG A 97 -6.91 21.57 -18.79
CA ARG A 97 -7.99 21.69 -17.81
C ARG A 97 -7.89 20.47 -16.91
N HIS A 98 -6.91 20.49 -16.01
CA HIS A 98 -6.58 19.16 -15.54
C HIS A 98 -7.44 18.74 -14.35
N PRO A 99 -7.11 19.12 -13.09
CA PRO A 99 -7.59 18.32 -11.95
C PRO A 99 -9.11 18.13 -11.95
N TYR A 100 -9.86 19.21 -12.01
CA TYR A 100 -11.31 19.13 -12.01
C TYR A 100 -11.89 19.88 -13.21
N GLY A 101 -13.06 19.44 -13.65
CA GLY A 101 -13.63 19.89 -14.90
C GLY A 101 -13.24 18.99 -16.07
N ASP A 102 -13.99 19.13 -17.16
CA ASP A 102 -13.83 18.27 -18.33
C ASP A 102 -12.38 18.24 -18.80
N HIS A 103 -11.93 17.06 -19.22
CA HIS A 103 -10.52 16.86 -19.52
C HIS A 103 -10.12 17.52 -20.83
N ALA A 104 -8.93 18.11 -20.85
CA ALA A 104 -8.35 18.67 -22.07
C ALA A 104 -6.85 18.81 -21.88
N TRP A 105 -6.09 18.37 -22.87
CA TRP A 105 -4.63 18.46 -22.97
C TRP A 105 -4.22 19.05 -24.30
N GLY A 106 -3.19 19.90 -24.26
CA GLY A 106 -2.59 20.45 -25.46
C GLY A 106 -1.61 19.47 -26.07
N GLN A 107 -0.93 19.93 -27.12
CA GLN A 107 0.03 19.10 -27.81
C GLN A 107 1.46 19.31 -27.35
N GLY A 108 1.71 20.30 -26.51
CA GLY A 108 2.98 20.43 -25.84
C GLY A 108 3.91 21.42 -26.54
N THR A 109 4.90 21.88 -25.78
CA THR A 109 5.94 22.77 -26.29
C THR A 109 7.26 22.33 -25.70
N LEU A 110 8.23 22.03 -26.56
CA LEU A 110 9.50 21.49 -26.09
C LEU A 110 10.41 22.60 -25.62
N VAL A 111 10.88 22.49 -24.39
CA VAL A 111 11.86 23.41 -23.81
C VAL A 111 13.15 22.63 -23.60
N THR A 112 14.24 23.14 -24.14
CA THR A 112 15.57 22.57 -23.93
C THR A 112 16.43 23.60 -23.21
N VAL A 113 17.04 23.17 -22.11
CA VAL A 113 17.89 24.04 -21.29
C VAL A 113 19.32 23.50 -21.38
N SER A 114 20.15 24.19 -22.14
CA SER A 114 21.51 23.74 -22.42
C SER A 114 22.38 24.94 -22.76
N SER A 115 23.67 24.82 -22.45
CA SER A 115 24.65 25.82 -22.86
C SER A 115 25.16 25.57 -24.27
N ALA A 116 24.77 24.47 -24.89
CA ALA A 116 25.16 24.18 -26.27
C ALA A 116 24.48 25.15 -27.23
N SER A 117 25.02 25.20 -28.45
CA SER A 117 24.54 26.13 -29.47
C SER A 117 23.72 25.39 -30.53
N THR A 118 22.72 26.10 -31.05
CA THR A 118 21.98 25.62 -32.21
C THR A 118 22.92 25.24 -33.34
N LYS A 119 22.70 24.06 -33.92
CA LYS A 119 23.43 23.67 -35.12
C LYS A 119 22.47 23.00 -36.08
N GLY A 120 22.53 23.43 -37.34
CA GLY A 120 21.72 22.84 -38.38
C GLY A 120 22.28 21.51 -38.83
N PRO A 121 21.40 20.62 -39.28
CA PRO A 121 21.85 19.29 -39.71
C PRO A 121 22.62 19.35 -41.02
N SER A 122 23.46 18.33 -41.20
CA SER A 122 24.03 18.00 -42.50
C SER A 122 23.38 16.71 -42.98
N VAL A 123 22.91 16.70 -44.22
CA VAL A 123 22.09 15.62 -44.75
C VAL A 123 22.88 14.89 -45.82
N PHE A 124 23.17 13.61 -45.57
CA PHE A 124 23.90 12.79 -46.53
C PHE A 124 23.03 11.63 -47.00
N PRO A 125 23.16 11.23 -48.26
CA PRO A 125 22.35 10.12 -48.77
C PRO A 125 22.84 8.77 -48.28
N LEU A 126 21.90 7.85 -48.16
CA LEU A 126 22.18 6.44 -47.90
C LEU A 126 21.79 5.69 -49.17
N ALA A 127 22.75 5.59 -50.09
CA ALA A 127 22.47 5.21 -51.46
C ALA A 127 22.23 3.71 -51.58
N PRO A 128 21.11 3.29 -52.21
CA PRO A 128 20.67 1.90 -52.42
C PRO A 128 21.74 1.01 -53.03
N GLY A 136 14.66 -7.73 -55.49
CA GLY A 136 13.28 -7.72 -55.03
C GLY A 136 12.89 -6.41 -54.36
N THR A 137 13.30 -6.24 -53.11
CA THR A 137 13.10 -5.01 -52.36
C THR A 137 14.44 -4.31 -52.18
N ALA A 138 14.43 -2.98 -52.34
CA ALA A 138 15.60 -2.15 -52.12
C ALA A 138 15.35 -1.19 -50.97
N ALA A 139 16.44 -0.68 -50.40
CA ALA A 139 16.36 0.28 -49.31
C ALA A 139 17.29 1.45 -49.59
N LEU A 140 16.82 2.66 -49.27
CA LEU A 140 17.60 3.87 -49.40
C LEU A 140 17.19 4.80 -48.26
N GLY A 141 17.90 5.90 -48.11
CA GLY A 141 17.55 6.83 -47.06
C GLY A 141 18.53 7.98 -46.94
N CYS A 142 18.41 8.69 -45.83
CA CYS A 142 19.15 9.91 -45.54
C CYS A 142 19.69 9.87 -44.13
N LEU A 143 20.94 10.31 -43.96
CA LEU A 143 21.57 10.44 -42.66
C LEU A 143 21.58 11.91 -42.27
N VAL A 144 20.94 12.23 -41.15
CA VAL A 144 20.78 13.60 -40.66
C VAL A 144 21.65 13.73 -39.42
N LYS A 145 22.82 14.34 -39.58
CA LYS A 145 23.93 14.25 -38.63
C LYS A 145 24.31 15.64 -38.11
N ASP A 146 24.68 15.71 -36.83
CA ASP A 146 25.30 16.91 -36.23
C ASP A 146 24.32 18.09 -36.15
N TYR A 147 23.17 17.84 -35.55
CA TYR A 147 22.20 18.89 -35.24
C TYR A 147 21.96 18.91 -33.74
N PHE A 148 21.74 20.10 -33.18
CA PHE A 148 21.58 20.02 -31.73
C PHE A 148 20.16 20.24 -31.24
N PRO A 149 19.63 21.46 -31.26
CA PRO A 149 18.49 21.78 -30.36
C PRO A 149 17.37 20.74 -30.38
N GLU A 150 17.15 20.06 -31.53
CA GLU A 150 16.14 19.04 -31.78
C GLU A 150 14.74 19.62 -31.55
N PRO A 151 13.71 19.19 -32.32
CA PRO A 151 13.52 18.10 -33.27
C PRO A 151 13.88 18.37 -34.72
N VAL A 152 14.15 17.28 -35.44
CA VAL A 152 14.29 17.27 -36.90
C VAL A 152 13.13 16.46 -37.46
N THR A 153 12.48 16.99 -38.49
CA THR A 153 11.38 16.30 -39.16
C THR A 153 11.80 15.91 -40.57
N VAL A 154 11.58 14.66 -40.93
CA VAL A 154 11.96 14.11 -42.22
C VAL A 154 10.70 13.65 -42.95
N SER A 155 10.55 14.10 -44.18
CA SER A 155 9.52 13.61 -45.09
C SER A 155 10.19 13.14 -46.37
N TRP A 156 9.45 12.33 -47.14
CA TRP A 156 9.97 11.75 -48.37
C TRP A 156 9.07 12.14 -49.54
N ASN A 157 9.69 12.68 -50.60
CA ASN A 157 8.97 13.10 -51.80
C ASN A 157 7.87 14.10 -51.46
N SER A 158 8.13 14.96 -50.48
CA SER A 158 7.23 16.04 -50.07
C SER A 158 5.91 15.51 -49.53
N GLY A 159 5.93 14.33 -48.90
CA GLY A 159 4.73 13.72 -48.37
C GLY A 159 4.14 12.64 -49.25
N ALA A 160 4.60 12.50 -50.49
CA ALA A 160 4.08 11.46 -51.37
C ALA A 160 4.41 10.07 -50.84
N LEU A 161 5.67 9.83 -50.50
CA LEU A 161 6.07 8.57 -49.88
C LEU A 161 5.78 8.60 -48.39
N THR A 162 4.89 7.72 -47.96
CA THR A 162 4.71 7.42 -46.54
C THR A 162 4.86 5.94 -46.22
N SER A 163 4.70 5.07 -47.21
CA SER A 163 4.69 3.62 -46.98
C SER A 163 6.11 3.07 -47.06
N GLY A 164 6.50 2.31 -46.05
CA GLY A 164 7.84 1.76 -45.96
C GLY A 164 8.85 2.67 -45.30
N VAL A 165 8.42 3.81 -44.75
CA VAL A 165 9.32 4.79 -44.17
C VAL A 165 9.52 4.47 -42.69
N HIS A 166 10.78 4.49 -42.26
CA HIS A 166 11.15 4.43 -40.85
C HIS A 166 12.14 5.55 -40.56
N THR A 167 11.68 6.59 -39.86
CA THR A 167 12.58 7.63 -39.37
C THR A 167 12.97 7.27 -37.94
N PHE A 168 14.23 6.92 -37.74
CA PHE A 168 14.66 6.35 -36.47
C PHE A 168 14.75 7.42 -35.39
N PRO A 169 14.70 7.00 -34.12
CA PRO A 169 14.98 7.94 -33.03
C PRO A 169 16.39 8.48 -33.12
N ALA A 170 16.55 9.72 -32.67
CA ALA A 170 17.86 10.34 -32.65
C ALA A 170 18.72 9.78 -31.52
N VAL A 171 20.02 9.72 -31.77
CA VAL A 171 21.00 9.34 -30.76
C VAL A 171 21.80 10.58 -30.41
N LEU A 172 22.34 10.61 -29.20
CA LEU A 172 23.22 11.69 -28.77
C LEU A 172 24.66 11.21 -28.92
N GLN A 173 25.44 11.93 -29.71
CA GLN A 173 26.83 11.58 -29.95
C GLN A 173 27.73 12.17 -28.86
N SER A 174 29.01 11.77 -28.89
CA SER A 174 29.96 12.30 -27.92
C SER A 174 30.15 13.80 -28.08
N SER A 175 30.02 14.30 -29.31
CA SER A 175 30.13 15.74 -29.55
C SER A 175 29.07 16.53 -28.79
N GLY A 176 27.97 15.88 -28.43
CA GLY A 176 26.81 16.59 -27.94
C GLY A 176 25.82 16.97 -29.02
N LEU A 177 25.97 16.41 -30.21
CA LEU A 177 25.11 16.68 -31.35
C LEU A 177 24.30 15.42 -31.67
N TYR A 178 23.08 15.62 -32.16
CA TYR A 178 22.23 14.48 -32.47
C TYR A 178 22.48 13.98 -33.89
N SER A 179 22.04 12.75 -34.13
CA SER A 179 22.13 12.13 -35.46
C SER A 179 20.99 11.13 -35.59
N LEU A 180 20.32 11.16 -36.74
CA LEU A 180 19.30 10.16 -37.03
C LEU A 180 19.39 9.80 -38.50
N SER A 181 18.76 8.69 -38.85
CA SER A 181 18.60 8.29 -40.23
C SER A 181 17.13 8.04 -40.50
N SER A 182 16.72 8.34 -41.74
CA SER A 182 15.40 7.98 -42.24
C SER A 182 15.60 7.07 -43.42
N VAL A 183 14.92 5.93 -43.42
CA VAL A 183 15.02 4.96 -44.50
C VAL A 183 13.64 4.69 -45.06
N VAL A 184 13.63 4.11 -46.26
CA VAL A 184 12.39 3.78 -46.96
C VAL A 184 12.68 2.60 -47.88
N THR A 185 11.81 1.60 -47.84
CA THR A 185 11.95 0.43 -48.70
C THR A 185 11.07 0.61 -49.93
N VAL A 186 11.66 0.45 -51.10
CA VAL A 186 10.98 0.68 -52.37
C VAL A 186 11.19 -0.55 -53.26
N PRO A 187 10.31 -0.82 -54.21
CA PRO A 187 10.58 -1.87 -55.19
C PRO A 187 11.84 -1.54 -55.99
N SER A 188 12.73 -2.54 -56.12
CA SER A 188 14.01 -2.30 -56.78
C SER A 188 13.85 -2.00 -58.26
N SER A 189 12.79 -2.51 -58.89
CA SER A 189 12.53 -2.24 -60.29
C SER A 189 12.36 -0.75 -60.57
N SER A 190 12.07 0.05 -59.54
CA SER A 190 11.77 1.46 -59.69
C SER A 190 12.97 2.37 -59.41
N LEU A 191 14.15 1.80 -59.16
CA LEU A 191 15.28 2.63 -58.75
C LEU A 191 15.77 3.53 -59.88
N GLY A 192 15.64 3.09 -61.13
CA GLY A 192 16.01 3.94 -62.24
C GLY A 192 14.86 4.80 -62.72
N THR A 193 13.63 4.38 -62.41
CA THR A 193 12.43 5.01 -62.94
C THR A 193 11.73 5.92 -61.93
N GLN A 194 12.32 6.19 -60.77
CA GLN A 194 11.68 7.05 -59.79
C GLN A 194 12.70 7.88 -59.02
N THR A 195 12.35 9.15 -58.80
CA THR A 195 13.17 10.08 -58.05
C THR A 195 12.77 10.05 -56.58
N TYR A 196 13.76 9.84 -55.71
CA TYR A 196 13.54 9.80 -54.27
C TYR A 196 14.30 10.95 -53.61
N ILE A 197 13.56 11.87 -52.99
CA ILE A 197 14.15 13.03 -52.35
C ILE A 197 13.65 13.06 -50.92
N CYS A 198 14.56 13.22 -49.97
CA CYS A 198 14.18 13.34 -48.56
C CYS A 198 14.19 14.81 -48.16
N ASN A 199 13.10 15.26 -47.56
CA ASN A 199 12.95 16.65 -47.16
C ASN A 199 13.15 16.72 -45.65
N VAL A 200 14.25 17.34 -45.25
CA VAL A 200 14.64 17.44 -43.84
C VAL A 200 14.44 18.88 -43.40
N ASN A 201 13.77 19.07 -42.27
CA ASN A 201 13.46 20.40 -41.74
C ASN A 201 13.87 20.45 -40.28
N HIS A 202 14.58 21.51 -39.91
CA HIS A 202 15.08 21.72 -38.55
C HIS A 202 14.74 23.17 -38.19
N LYS A 203 13.49 23.40 -37.80
CA LYS A 203 13.03 24.75 -37.47
C LYS A 203 13.86 25.46 -36.41
N PRO A 204 14.51 24.79 -35.44
CA PRO A 204 15.36 25.54 -34.50
C PRO A 204 16.55 26.24 -35.15
N SER A 205 17.03 25.76 -36.30
CA SER A 205 18.00 26.51 -37.09
C SER A 205 17.39 27.10 -38.35
N ASN A 206 16.07 26.96 -38.53
CA ASN A 206 15.36 27.42 -39.72
C ASN A 206 15.96 26.84 -40.99
N THR A 207 16.45 25.61 -40.88
CA THR A 207 17.04 24.89 -42.00
C THR A 207 16.01 23.97 -42.64
N LYS A 208 15.83 24.11 -43.95
CA LYS A 208 15.15 23.12 -44.78
C LYS A 208 16.15 22.63 -45.81
N VAL A 209 16.24 21.31 -45.97
CA VAL A 209 17.18 20.70 -46.90
C VAL A 209 16.46 19.58 -47.64
N ASP A 210 16.48 19.64 -48.97
CA ASP A 210 15.98 18.56 -49.80
C ASP A 210 17.15 17.84 -50.46
N LYS A 211 17.09 16.51 -50.49
CA LYS A 211 18.26 15.73 -50.84
C LYS A 211 17.81 14.55 -51.69
N LYS A 212 18.33 14.45 -52.91
CA LYS A 212 18.00 13.35 -53.80
C LYS A 212 18.96 12.19 -53.59
N VAL A 213 18.44 10.97 -53.64
CA VAL A 213 19.20 9.76 -53.34
C VAL A 213 19.23 8.87 -54.58
N GLU A 214 20.43 8.46 -54.98
CA GLU A 214 20.62 7.79 -56.26
C GLU A 214 21.45 6.51 -56.14
N VAL B 2 -16.09 -1.69 15.18
CA VAL B 2 -16.00 -3.14 15.29
C VAL B 2 -15.45 -3.57 16.64
N GLN B 3 -16.18 -4.47 17.28
CA GLN B 3 -15.88 -4.91 18.64
C GLN B 3 -15.94 -6.43 18.67
N LEU B 4 -14.87 -7.05 19.16
CA LEU B 4 -14.84 -8.50 19.39
C LEU B 4 -14.49 -8.75 20.85
N VAL B 5 -15.33 -9.51 21.54
CA VAL B 5 -15.19 -9.76 22.97
C VAL B 5 -15.08 -11.26 23.20
N GLU B 6 -13.94 -11.69 23.74
CA GLU B 6 -13.74 -13.09 24.07
C GLU B 6 -14.20 -13.34 25.49
N SER B 7 -14.74 -14.54 25.73
CA SER B 7 -15.11 -14.96 27.07
C SER B 7 -15.23 -16.48 27.07
N GLY B 8 -15.49 -17.04 28.25
CA GLY B 8 -15.64 -18.47 28.41
C GLY B 8 -14.40 -19.19 28.89
N GLY B 9 -13.28 -18.49 29.07
CA GLY B 9 -12.05 -19.08 29.53
C GLY B 9 -11.77 -18.77 30.98
N GLY B 10 -10.99 -19.64 31.61
CA GLY B 10 -10.60 -19.45 33.00
C GLY B 10 -9.72 -20.55 33.52
N LEU B 11 -10.01 -21.05 34.71
CA LEU B 11 -9.27 -22.15 35.30
C LEU B 11 -10.00 -23.46 35.00
N ILE B 12 -9.33 -24.38 34.33
CA ILE B 12 -9.90 -25.68 33.99
C ILE B 12 -8.88 -26.76 34.31
N GLN B 13 -9.38 -27.93 34.69
CA GLN B 13 -8.51 -29.01 35.12
C GLN B 13 -7.97 -29.78 33.91
N PRO B 14 -6.74 -30.29 34.00
CA PRO B 14 -6.15 -31.00 32.86
C PRO B 14 -7.00 -32.17 32.40
N GLY B 15 -7.13 -32.29 31.08
CA GLY B 15 -8.02 -33.27 30.49
C GLY B 15 -9.46 -32.82 30.36
N GLY B 16 -9.75 -31.55 30.71
CA GLY B 16 -11.12 -31.05 30.66
C GLY B 16 -11.47 -30.41 29.34
N SER B 17 -12.66 -29.82 29.29
CA SER B 17 -13.19 -29.21 28.07
C SER B 17 -13.69 -27.81 28.38
N LEU B 18 -13.56 -26.93 27.39
CA LEU B 18 -13.90 -25.53 27.55
C LEU B 18 -14.35 -25.00 26.20
N ARG B 19 -15.26 -24.04 26.23
CA ARG B 19 -15.90 -23.51 25.02
C ARG B 19 -15.84 -21.99 25.08
N LEU B 20 -14.92 -21.40 24.33
CA LEU B 20 -14.77 -19.96 24.30
C LEU B 20 -15.79 -19.32 23.36
N SER B 21 -16.19 -18.09 23.68
CA SER B 21 -17.14 -17.34 22.88
C SER B 21 -16.49 -16.05 22.40
N CYS B 22 -16.86 -15.64 21.20
CA CYS B 22 -16.37 -14.42 20.55
C CYS B 22 -17.59 -13.68 20.00
N VAL B 23 -18.09 -12.70 20.75
CA VAL B 23 -19.29 -11.96 20.35
C VAL B 23 -18.86 -10.79 19.47
N VAL B 24 -19.35 -10.76 18.23
CA VAL B 24 -18.84 -9.89 17.20
C VAL B 24 -19.81 -8.73 16.98
N SER B 25 -19.28 -7.51 17.04
CA SER B 25 -20.01 -6.30 16.73
C SER B 25 -19.42 -5.68 15.47
N GLY B 26 -20.26 -5.50 14.45
CA GLY B 26 -19.84 -4.74 13.27
C GLY B 26 -19.56 -5.55 12.02
N PHE B 27 -19.71 -6.87 12.06
CA PHE B 27 -19.74 -7.65 10.83
C PHE B 27 -20.46 -8.96 11.11
N THR B 28 -20.89 -9.62 10.03
CA THR B 28 -21.61 -10.87 10.13
C THR B 28 -20.60 -12.02 10.23
N VAL B 29 -20.60 -12.71 11.38
CA VAL B 29 -19.71 -13.84 11.61
C VAL B 29 -19.82 -14.86 10.48
N SER B 30 -21.04 -15.12 10.03
CA SER B 30 -21.27 -16.21 9.08
C SER B 30 -20.60 -15.96 7.73
N SER B 31 -20.43 -14.70 7.34
CA SER B 31 -19.99 -14.34 6.00
C SER B 31 -18.50 -14.07 5.92
N ASN B 32 -17.73 -14.35 6.97
CA ASN B 32 -16.38 -13.86 7.06
C ASN B 32 -15.40 -14.97 7.41
N TYR B 33 -14.12 -14.71 7.14
CA TYR B 33 -13.05 -15.56 7.64
C TYR B 33 -12.78 -15.23 9.09
N MET B 34 -12.66 -16.25 9.93
CA MET B 34 -12.51 -16.08 11.37
C MET B 34 -11.46 -17.04 11.87
N SER B 35 -10.60 -16.58 12.79
CA SER B 35 -9.53 -17.39 13.30
C SER B 35 -9.43 -17.27 14.82
N TRP B 36 -8.83 -18.29 15.43
CA TRP B 36 -8.43 -18.26 16.82
C TRP B 36 -6.90 -18.32 16.89
N ILE B 37 -6.31 -17.35 17.59
CA ILE B 37 -4.87 -17.31 17.81
C ILE B 37 -4.61 -17.34 19.30
N ARG B 38 -3.60 -18.10 19.71
CA ARG B 38 -3.21 -18.17 21.11
C ARG B 38 -1.74 -17.83 21.27
N GLN B 39 -1.41 -17.28 22.44
CA GLN B 39 -0.03 -17.17 22.88
C GLN B 39 0.05 -17.59 24.34
N ALA B 40 0.93 -18.53 24.63
CA ALA B 40 1.21 -18.91 25.99
C ALA B 40 1.92 -17.75 26.70
N PRO B 41 1.87 -17.70 28.03
CA PRO B 41 2.50 -16.57 28.74
C PRO B 41 4.01 -16.56 28.54
N GLY B 42 4.54 -15.38 28.21
CA GLY B 42 5.95 -15.18 27.96
C GLY B 42 6.42 -15.57 26.58
N LYS B 43 5.55 -16.16 25.76
CA LYS B 43 5.90 -16.79 24.50
C LYS B 43 5.20 -16.06 23.34
N GLY B 44 5.32 -16.64 22.14
CA GLY B 44 4.88 -15.98 20.94
C GLY B 44 3.49 -16.40 20.48
N LEU B 45 3.09 -15.83 19.35
CA LEU B 45 1.75 -16.06 18.80
C LEU B 45 1.70 -17.33 17.97
N GLU B 46 0.63 -18.09 18.12
CA GLU B 46 0.43 -19.32 17.36
C GLU B 46 -1.01 -19.43 16.88
N TRP B 47 -1.17 -19.76 15.61
CA TRP B 47 -2.49 -19.91 15.01
C TRP B 47 -3.07 -21.29 15.35
N VAL B 48 -4.38 -21.31 15.62
CA VAL B 48 -5.06 -22.50 16.13
C VAL B 48 -6.11 -23.02 15.17
N SER B 49 -7.02 -22.15 14.73
CA SER B 49 -8.13 -22.57 13.89
C SER B 49 -8.50 -21.45 12.95
N VAL B 50 -9.03 -21.81 11.78
CA VAL B 50 -9.63 -20.87 10.86
C VAL B 50 -10.96 -21.44 10.38
N ILE B 51 -11.97 -20.58 10.28
CA ILE B 51 -13.23 -20.93 9.62
C ILE B 51 -13.40 -20.00 8.43
N TYR B 52 -13.71 -20.58 7.28
CA TYR B 52 -13.78 -19.83 6.04
C TYR B 52 -15.13 -19.13 5.93
N SER B 53 -15.26 -18.28 4.92
CA SER B 53 -16.54 -17.60 4.69
C SER B 53 -17.64 -18.61 4.40
N GLY B 54 -17.31 -19.65 3.63
CA GLY B 54 -18.24 -20.70 3.30
C GLY B 54 -18.36 -21.82 4.31
N GLY B 55 -17.65 -21.74 5.43
CA GLY B 55 -17.82 -22.68 6.52
C GLY B 55 -16.77 -23.77 6.63
N SER B 56 -15.91 -23.93 5.63
CA SER B 56 -14.83 -24.91 5.74
C SER B 56 -13.89 -24.53 6.86
N THR B 57 -13.24 -25.53 7.43
CA THR B 57 -12.51 -25.35 8.68
C THR B 57 -11.17 -26.07 8.62
N PHE B 58 -10.14 -25.42 9.14
CA PHE B 58 -8.79 -25.96 9.17
C PHE B 58 -8.15 -25.67 10.51
N TYR B 59 -7.30 -26.58 10.97
CA TYR B 59 -6.71 -26.49 12.30
C TYR B 59 -5.20 -26.68 12.23
N ALA B 60 -4.52 -26.17 13.26
CA ALA B 60 -3.12 -26.46 13.44
C ALA B 60 -2.92 -27.88 13.94
N ASP B 61 -1.73 -28.42 13.71
CA ASP B 61 -1.46 -29.80 14.11
C ASP B 61 -1.44 -29.96 15.63
N SER B 62 -1.07 -28.91 16.36
CA SER B 62 -1.00 -29.02 17.81
C SER B 62 -2.37 -29.03 18.48
N VAL B 63 -3.44 -28.71 17.75
CA VAL B 63 -4.80 -28.78 18.28
C VAL B 63 -5.67 -29.75 17.50
N LYS B 64 -5.10 -30.48 16.55
CA LYS B 64 -5.90 -31.35 15.69
C LYS B 64 -6.59 -32.43 16.49
N GLY B 65 -7.81 -32.75 16.08
CA GLY B 65 -8.54 -33.83 16.69
C GLY B 65 -9.29 -33.41 17.93
N ARG B 66 -8.78 -32.43 18.69
CA ARG B 66 -9.45 -32.09 19.94
C ARG B 66 -9.92 -30.63 20.01
N PHE B 67 -9.63 -29.81 19.01
CA PHE B 67 -10.18 -28.46 18.92
C PHE B 67 -11.15 -28.38 17.75
N THR B 68 -12.23 -27.63 17.94
CA THR B 68 -13.28 -27.43 16.95
C THR B 68 -13.77 -25.99 16.98
N ILE B 69 -13.76 -25.35 15.81
CA ILE B 69 -14.25 -23.98 15.65
C ILE B 69 -15.65 -24.03 15.05
N SER B 70 -16.41 -22.96 15.27
CA SER B 70 -17.82 -22.97 14.87
C SER B 70 -18.39 -21.55 14.97
N ARG B 71 -19.56 -21.37 14.36
CA ARG B 71 -20.24 -20.09 14.27
C ARG B 71 -21.70 -20.25 14.68
N ASP B 72 -22.35 -19.13 15.03
CA ASP B 72 -23.80 -19.09 15.11
C ASP B 72 -24.31 -17.76 14.59
N SER B 73 -25.30 -17.82 13.70
CA SER B 73 -25.84 -16.62 13.07
C SER B 73 -26.63 -15.78 14.07
N SER B 74 -27.43 -16.44 14.92
CA SER B 74 -28.38 -15.71 15.77
C SER B 74 -27.67 -14.80 16.77
N GLN B 75 -26.44 -15.14 17.16
CA GLN B 75 -25.73 -14.41 18.20
C GLN B 75 -24.54 -13.60 17.68
N ASN B 76 -24.23 -13.69 16.38
CA ASN B 76 -22.95 -13.25 15.87
C ASN B 76 -21.82 -13.67 16.79
N THR B 77 -21.62 -14.97 16.96
CA THR B 77 -20.60 -15.44 17.87
C THR B 77 -19.76 -16.54 17.21
N LEU B 78 -18.46 -16.47 17.44
CA LEU B 78 -17.54 -17.53 17.09
C LEU B 78 -17.19 -18.32 18.34
N TYR B 79 -17.17 -19.64 18.21
CA TYR B 79 -16.87 -20.52 19.32
C TYR B 79 -15.60 -21.30 19.03
N LEU B 80 -14.84 -21.55 20.09
CA LEU B 80 -13.77 -22.53 20.08
C LEU B 80 -14.11 -23.60 21.10
N GLN B 81 -14.33 -24.82 20.63
CA GLN B 81 -14.61 -25.96 21.48
C GLN B 81 -13.29 -26.68 21.71
N MET B 82 -12.71 -26.52 22.90
CA MET B 82 -11.43 -27.12 23.25
C MET B 82 -11.68 -28.32 24.15
N ASN B 83 -11.29 -29.50 23.69
CA ASN B 83 -11.40 -30.72 24.47
C ASN B 83 -10.00 -31.25 24.80
N SER B 84 -9.95 -32.14 25.80
CA SER B 84 -8.70 -32.82 26.18
C SER B 84 -7.61 -31.80 26.51
N LEU B 85 -7.98 -30.76 27.24
CA LEU B 85 -7.05 -29.66 27.49
C LEU B 85 -5.84 -30.11 28.30
N ARG B 86 -4.67 -29.72 27.85
CA ARG B 86 -3.40 -29.96 28.53
C ARG B 86 -2.91 -28.67 29.16
N ALA B 87 -1.79 -28.78 29.88
CA ALA B 87 -1.13 -27.57 30.37
C ALA B 87 -0.46 -26.80 29.23
N GLU B 88 -0.05 -27.48 28.17
CA GLU B 88 0.71 -26.77 27.15
C GLU B 88 -0.20 -25.92 26.28
N ASP B 89 -1.52 -26.04 26.50
CA ASP B 89 -2.55 -25.22 25.89
C ASP B 89 -2.88 -23.99 26.72
N THR B 90 -2.25 -23.84 27.88
CA THR B 90 -2.46 -22.65 28.69
C THR B 90 -2.00 -21.41 27.92
N ALA B 91 -2.91 -20.46 27.74
CA ALA B 91 -2.63 -19.32 26.87
C ALA B 91 -3.77 -18.32 26.96
N VAL B 92 -3.47 -17.10 26.54
CA VAL B 92 -4.52 -16.15 26.15
C VAL B 92 -4.95 -16.49 24.73
N TYR B 93 -6.26 -16.63 24.53
CA TYR B 93 -6.82 -17.02 23.24
C TYR B 93 -7.50 -15.82 22.59
N TYR B 94 -7.18 -15.57 21.33
CA TYR B 94 -7.70 -14.44 20.57
C TYR B 94 -8.52 -14.95 19.40
N CYS B 95 -9.68 -14.33 19.17
CA CYS B 95 -10.40 -14.49 17.92
C CYS B 95 -10.17 -13.27 17.04
N ALA B 96 -10.26 -13.47 15.74
CA ALA B 96 -9.95 -12.41 14.80
C ALA B 96 -10.71 -12.63 13.50
N ARG B 97 -10.98 -11.54 12.79
CA ARG B 97 -11.31 -11.62 11.36
C ARG B 97 -9.99 -11.74 10.62
N HIS B 98 -9.72 -12.91 10.07
CA HIS B 98 -8.38 -13.30 9.68
C HIS B 98 -8.46 -14.64 8.96
N PRO B 99 -7.64 -14.89 7.93
CA PRO B 99 -6.60 -14.07 7.29
C PRO B 99 -7.07 -13.05 6.25
N TYR B 100 -8.30 -13.18 5.74
CA TYR B 100 -8.77 -12.33 4.66
C TYR B 100 -9.93 -11.46 5.14
N GLY B 101 -9.98 -10.23 4.61
CA GLY B 101 -10.94 -9.25 5.05
C GLY B 101 -10.37 -8.30 6.08
N ASP B 102 -11.09 -7.20 6.32
CA ASP B 102 -10.66 -6.17 7.25
C ASP B 102 -10.21 -6.75 8.58
N HIS B 103 -9.03 -6.35 9.03
CA HIS B 103 -8.47 -6.88 10.27
C HIS B 103 -9.34 -6.51 11.46
N ALA B 104 -9.46 -7.45 12.39
CA ALA B 104 -10.11 -7.22 13.68
C ALA B 104 -9.55 -8.24 14.65
N TRP B 105 -9.27 -7.80 15.87
CA TRP B 105 -8.59 -8.61 16.87
C TRP B 105 -9.18 -8.30 18.23
N GLY B 106 -9.16 -9.27 19.13
CA GLY B 106 -9.83 -9.16 20.41
C GLY B 106 -8.86 -8.94 21.57
N GLN B 107 -9.44 -8.47 22.69
CA GLN B 107 -8.63 -8.21 23.87
C GLN B 107 -8.08 -9.50 24.48
N GLY B 108 -8.77 -10.62 24.27
CA GLY B 108 -8.24 -11.91 24.66
C GLY B 108 -8.99 -12.50 25.86
N THR B 109 -8.83 -13.81 26.02
CA THR B 109 -9.33 -14.52 27.19
C THR B 109 -8.25 -15.50 27.64
N LEU B 110 -8.09 -15.63 28.95
CA LEU B 110 -7.01 -16.42 29.54
C LEU B 110 -7.55 -17.79 29.93
N VAL B 111 -6.95 -18.84 29.37
CA VAL B 111 -7.26 -20.22 29.72
C VAL B 111 -6.09 -20.76 30.53
N THR B 112 -6.35 -21.13 31.78
CA THR B 112 -5.35 -21.70 32.66
C THR B 112 -5.73 -23.15 32.95
N VAL B 113 -4.86 -24.07 32.57
CA VAL B 113 -5.10 -25.51 32.75
C VAL B 113 -4.22 -25.96 33.91
N SER B 114 -4.83 -26.15 35.08
CA SER B 114 -4.10 -26.47 36.29
C SER B 114 -4.99 -27.28 37.22
N SER B 115 -4.35 -28.18 37.97
CA SER B 115 -5.05 -28.88 39.04
C SER B 115 -5.29 -28.02 40.26
N ALA B 116 -4.61 -26.87 40.36
CA ALA B 116 -4.67 -26.03 41.54
C ALA B 116 -6.06 -25.40 41.68
N SER B 117 -6.31 -24.87 42.87
CA SER B 117 -7.61 -24.33 43.23
C SER B 117 -7.55 -22.80 43.31
N THR B 118 -8.67 -22.17 42.97
CA THR B 118 -8.77 -20.72 43.09
C THR B 118 -8.53 -20.28 44.52
N LYS B 119 -7.62 -19.34 44.72
CA LYS B 119 -7.42 -18.73 46.02
C LYS B 119 -7.33 -17.22 45.89
N GLY B 120 -8.06 -16.50 46.74
CA GLY B 120 -8.04 -15.06 46.75
C GLY B 120 -6.75 -14.52 47.36
N PRO B 121 -6.42 -13.28 47.02
CA PRO B 121 -5.18 -12.68 47.52
C PRO B 121 -5.38 -11.90 48.80
N SER B 122 -4.31 -11.84 49.58
CA SER B 122 -4.22 -10.98 50.76
C SER B 122 -3.46 -9.72 50.38
N VAL B 123 -3.99 -8.57 50.76
CA VAL B 123 -3.40 -7.28 50.43
C VAL B 123 -2.84 -6.66 51.70
N PHE B 124 -1.56 -6.33 51.68
CA PHE B 124 -0.87 -5.69 52.79
C PHE B 124 -0.26 -4.38 52.34
N PRO B 125 -0.03 -3.44 53.26
CA PRO B 125 0.53 -2.14 52.86
C PRO B 125 2.04 -2.14 52.79
N LEU B 126 2.57 -1.41 51.81
CA LEU B 126 3.97 -1.04 51.76
C LEU B 126 4.05 0.43 52.16
N ALA B 127 4.07 0.66 53.47
CA ALA B 127 3.90 2.00 54.02
C ALA B 127 5.12 2.86 53.72
N PRO B 128 4.93 4.12 53.38
CA PRO B 128 6.07 5.02 53.15
C PRO B 128 6.70 5.45 54.48
N SER B 129 7.85 6.10 54.35
CA SER B 129 8.64 6.49 55.52
C SER B 129 9.74 7.48 55.14
N GLY B 136 12.48 15.99 47.35
CA GLY B 136 12.21 14.76 48.06
C GLY B 136 11.17 13.87 47.38
N THR B 137 11.41 12.56 47.42
CA THR B 137 10.52 11.57 46.83
C THR B 137 10.23 10.47 47.86
N ALA B 138 9.00 9.96 47.84
CA ALA B 138 8.60 8.87 48.70
C ALA B 138 8.05 7.72 47.86
N ALA B 139 8.14 6.51 48.41
CA ALA B 139 7.61 5.31 47.76
C ALA B 139 6.64 4.61 48.70
N LEU B 140 5.53 4.13 48.14
CA LEU B 140 4.48 3.49 48.92
C LEU B 140 3.77 2.51 48.00
N GLY B 141 3.23 1.45 48.58
CA GLY B 141 2.65 0.45 47.71
C GLY B 141 1.78 -0.55 48.45
N CYS B 142 1.40 -1.59 47.71
CA CYS B 142 0.59 -2.68 48.23
C CYS B 142 1.22 -4.00 47.81
N LEU B 143 1.17 -4.99 48.70
CA LEU B 143 1.65 -6.33 48.42
C LEU B 143 0.44 -7.24 48.25
N VAL B 144 0.22 -7.70 47.02
CA VAL B 144 -0.84 -8.65 46.70
C VAL B 144 -0.22 -10.04 46.71
N LYS B 145 -0.57 -10.86 47.70
CA LYS B 145 0.16 -12.10 47.96
C LYS B 145 -0.76 -13.31 48.00
N ASP B 146 -0.26 -14.41 47.42
CA ASP B 146 -0.85 -15.74 47.54
C ASP B 146 -2.20 -15.84 46.84
N TYR B 147 -2.18 -15.90 45.51
CA TYR B 147 -3.40 -15.96 44.73
C TYR B 147 -3.21 -16.87 43.52
N PHE B 148 -4.32 -17.42 43.05
CA PHE B 148 -4.39 -18.29 41.88
C PHE B 148 -5.80 -18.16 41.32
N PRO B 149 -5.98 -18.21 39.99
CA PRO B 149 -5.08 -18.55 38.88
C PRO B 149 -4.45 -17.40 38.11
N GLU B 150 -4.58 -16.13 38.56
CA GLU B 150 -4.19 -14.94 37.80
C GLU B 150 -5.24 -14.69 36.72
N PRO B 151 -5.54 -13.42 36.35
CA PRO B 151 -4.87 -12.17 36.70
C PRO B 151 -5.42 -11.41 37.91
N VAL B 152 -4.60 -10.48 38.37
CA VAL B 152 -4.98 -9.48 39.36
C VAL B 152 -4.73 -8.11 38.72
N THR B 153 -5.67 -7.19 38.90
CA THR B 153 -5.51 -5.82 38.45
C THR B 153 -5.51 -4.90 39.66
N VAL B 154 -4.69 -3.85 39.60
CA VAL B 154 -4.50 -2.93 40.71
C VAL B 154 -4.72 -1.50 40.20
N SER B 155 -5.55 -0.75 40.91
CA SER B 155 -5.78 0.65 40.65
C SER B 155 -5.34 1.45 41.86
N TRP B 156 -4.96 2.71 41.63
CA TRP B 156 -4.61 3.62 42.71
C TRP B 156 -5.56 4.80 42.68
N ASN B 157 -6.16 5.11 43.84
CA ASN B 157 -7.17 6.14 43.97
C ASN B 157 -8.25 6.02 42.89
N SER B 158 -8.63 4.78 42.57
CA SER B 158 -9.75 4.49 41.66
C SER B 158 -9.51 5.07 40.27
N GLY B 159 -8.25 5.02 39.82
CA GLY B 159 -7.88 5.51 38.51
C GLY B 159 -7.28 6.90 38.50
N ALA B 160 -7.45 7.67 39.58
CA ALA B 160 -6.90 9.02 39.63
C ALA B 160 -5.38 8.99 39.63
N LEU B 161 -4.77 8.11 40.42
CA LEU B 161 -3.33 8.00 40.49
C LEU B 161 -2.84 7.01 39.44
N THR B 162 -2.04 7.52 38.49
CA THR B 162 -1.51 6.70 37.41
C THR B 162 -0.03 6.99 37.22
N SER B 163 0.38 8.23 37.51
CA SER B 163 1.74 8.67 37.26
C SER B 163 2.67 8.17 38.34
N GLY B 164 3.79 7.56 37.93
CA GLY B 164 4.72 6.96 38.86
C GLY B 164 4.34 5.58 39.34
N VAL B 165 3.20 5.05 38.91
CA VAL B 165 2.74 3.74 39.35
C VAL B 165 3.49 2.66 38.57
N HIS B 166 4.00 1.66 39.29
CA HIS B 166 4.69 0.52 38.70
C HIS B 166 4.07 -0.75 39.29
N THR B 167 3.26 -1.44 38.51
CA THR B 167 2.71 -2.73 38.90
C THR B 167 3.60 -3.83 38.35
N PHE B 168 4.25 -4.56 39.24
CA PHE B 168 5.26 -5.51 38.82
C PHE B 168 4.63 -6.81 38.33
N PRO B 169 5.28 -7.49 37.38
CA PRO B 169 4.82 -8.82 36.98
C PRO B 169 4.74 -9.75 38.19
N ALA B 170 3.73 -10.62 38.17
CA ALA B 170 3.58 -11.60 39.24
C ALA B 170 4.67 -12.64 39.13
N VAL B 171 5.11 -13.14 40.29
CA VAL B 171 6.09 -14.22 40.36
C VAL B 171 5.42 -15.42 41.01
N LEU B 172 5.68 -16.60 40.46
CA LEU B 172 5.11 -17.82 41.01
C LEU B 172 5.96 -18.29 42.19
N GLN B 173 5.36 -18.38 43.37
CA GLN B 173 6.08 -18.85 44.54
C GLN B 173 6.07 -20.37 44.61
N SER B 174 6.95 -20.89 45.47
CA SER B 174 7.05 -22.34 45.67
C SER B 174 5.74 -22.96 46.17
N SER B 175 4.91 -22.18 46.85
CA SER B 175 3.57 -22.63 47.22
C SER B 175 2.71 -22.95 46.00
N GLY B 176 3.09 -22.48 44.82
CA GLY B 176 2.23 -22.53 43.67
C GLY B 176 1.27 -21.36 43.56
N LEU B 177 1.47 -20.32 44.37
CA LEU B 177 0.62 -19.15 44.39
C LEU B 177 1.41 -17.94 43.90
N TYR B 178 0.72 -17.05 43.18
CA TYR B 178 1.38 -15.86 42.67
C TYR B 178 1.40 -14.76 43.72
N SER B 179 2.31 -13.81 43.52
CA SER B 179 2.42 -12.64 44.37
C SER B 179 2.94 -11.49 43.52
N LEU B 180 2.42 -10.28 43.75
CA LEU B 180 2.87 -9.13 43.00
C LEU B 180 2.90 -7.93 43.92
N SER B 181 3.70 -6.95 43.53
CA SER B 181 3.74 -5.65 44.19
C SER B 181 3.31 -4.58 43.21
N SER B 182 2.50 -3.64 43.68
CA SER B 182 2.23 -2.40 42.97
C SER B 182 2.74 -1.26 43.82
N VAL B 183 3.62 -0.45 43.25
CA VAL B 183 4.20 0.69 43.95
C VAL B 183 3.88 1.95 43.17
N VAL B 184 3.88 3.07 43.89
CA VAL B 184 3.72 4.39 43.30
C VAL B 184 4.65 5.35 44.03
N THR B 185 5.45 6.08 43.27
CA THR B 185 6.35 7.09 43.82
C THR B 185 5.70 8.46 43.70
N VAL B 186 5.67 9.18 44.81
CA VAL B 186 4.98 10.46 44.90
C VAL B 186 5.93 11.47 45.53
N PRO B 187 5.67 12.76 45.35
CA PRO B 187 6.43 13.77 46.11
C PRO B 187 6.18 13.60 47.60
N SER B 188 7.26 13.65 48.38
CA SER B 188 7.13 13.47 49.82
C SER B 188 6.26 14.55 50.45
N SER B 189 6.17 15.73 49.81
CA SER B 189 5.32 16.79 50.32
C SER B 189 3.86 16.35 50.37
N SER B 190 3.40 15.65 49.34
CA SER B 190 2.02 15.18 49.28
C SER B 190 1.70 14.12 50.33
N LEU B 191 2.71 13.57 51.00
CA LEU B 191 2.46 12.57 52.05
C LEU B 191 1.68 13.14 53.22
N GLY B 192 1.73 14.46 53.42
CA GLY B 192 1.01 15.11 54.49
C GLY B 192 -0.33 15.70 54.12
N THR B 193 -0.75 15.56 52.86
CA THR B 193 -2.04 16.10 52.43
C THR B 193 -2.87 15.12 51.60
N GLN B 194 -2.29 14.05 51.08
CA GLN B 194 -2.97 13.19 50.12
C GLN B 194 -3.14 11.78 50.71
N THR B 195 -4.36 11.25 50.55
CA THR B 195 -4.64 9.85 50.88
C THR B 195 -4.42 8.96 49.66
N TYR B 196 -3.76 7.83 49.89
CA TYR B 196 -3.40 6.88 48.83
C TYR B 196 -4.00 5.53 49.16
N ILE B 197 -4.90 5.06 48.30
CA ILE B 197 -5.57 3.77 48.44
C ILE B 197 -5.32 2.98 47.17
N CYS B 198 -4.92 1.71 47.30
CA CYS B 198 -4.78 0.82 46.14
C CYS B 198 -6.02 -0.05 46.03
N ASN B 199 -6.54 -0.19 44.82
CA ASN B 199 -7.75 -0.96 44.57
C ASN B 199 -7.35 -2.26 43.89
N VAL B 200 -7.51 -3.37 44.62
CA VAL B 200 -7.06 -4.67 44.18
C VAL B 200 -8.27 -5.48 43.76
N ASN B 201 -8.16 -6.18 42.63
CA ASN B 201 -9.31 -6.89 42.09
C ASN B 201 -8.84 -8.14 41.37
N HIS B 202 -9.22 -9.28 41.96
CA HIS B 202 -8.91 -10.64 41.50
C HIS B 202 -10.23 -11.28 41.11
N LYS B 203 -10.70 -10.95 39.91
CA LYS B 203 -12.00 -11.41 39.47
C LYS B 203 -12.19 -12.93 39.55
N PRO B 204 -11.18 -13.77 39.28
CA PRO B 204 -11.39 -15.23 39.40
C PRO B 204 -11.98 -15.69 40.74
N SER B 205 -11.71 -15.00 41.85
CA SER B 205 -12.29 -15.37 43.13
C SER B 205 -13.34 -14.37 43.61
N ASN B 206 -13.65 -13.36 42.79
CA ASN B 206 -14.53 -12.26 43.17
C ASN B 206 -14.05 -11.59 44.45
N THR B 207 -12.78 -11.17 44.43
CA THR B 207 -12.16 -10.45 45.52
C THR B 207 -11.91 -9.02 45.06
N LYS B 208 -12.43 -8.06 45.81
CA LYS B 208 -12.24 -6.63 45.54
C LYS B 208 -11.84 -5.98 46.87
N VAL B 209 -10.57 -5.61 47.02
CA VAL B 209 -10.07 -5.06 48.26
C VAL B 209 -9.60 -3.63 48.01
N ASP B 210 -9.96 -2.73 48.92
CA ASP B 210 -9.50 -1.35 48.92
C ASP B 210 -8.67 -1.15 50.17
N LYS B 211 -7.37 -0.92 49.99
CA LYS B 211 -6.44 -0.77 51.11
C LYS B 211 -5.81 0.61 51.08
N LYS B 212 -5.86 1.29 52.24
CA LYS B 212 -5.27 2.61 52.44
C LYS B 212 -3.85 2.45 52.96
N VAL B 213 -2.90 3.15 52.33
CA VAL B 213 -1.49 3.09 52.72
C VAL B 213 -1.12 4.39 53.43
N GLU B 214 -0.53 4.26 54.62
CA GLU B 214 -0.23 5.41 55.46
C GLU B 214 1.22 5.43 55.93
N ASN C 57 -25.44 31.63 34.32
CA ASN C 57 -25.80 30.60 33.37
C ASN C 57 -24.63 30.24 32.45
N LEU C 58 -24.33 28.93 32.37
CA LEU C 58 -23.30 28.43 31.47
C LEU C 58 -23.72 28.50 30.00
N CYS C 59 -22.72 28.64 29.14
CA CYS C 59 -22.90 28.86 27.70
C CYS C 59 -23.21 27.53 27.01
N PRO C 60 -24.07 27.55 25.98
CA PRO C 60 -24.53 26.31 25.33
C PRO C 60 -23.48 25.72 24.38
N PHE C 61 -22.30 25.43 24.92
CA PHE C 61 -21.27 24.78 24.13
C PHE C 61 -21.55 23.30 23.89
N GLY C 62 -22.42 22.70 24.70
CA GLY C 62 -22.79 21.31 24.45
C GLY C 62 -23.66 21.16 23.21
N GLU C 63 -24.48 22.17 22.92
CA GLU C 63 -25.36 22.09 21.76
C GLU C 63 -24.58 22.18 20.45
N VAL C 64 -23.39 22.78 20.47
CA VAL C 64 -22.59 22.90 19.25
C VAL C 64 -21.56 21.78 19.15
N PHE C 65 -20.95 21.36 20.26
CA PHE C 65 -19.92 20.33 20.20
C PHE C 65 -20.52 18.93 20.15
N ASN C 66 -21.45 18.63 21.06
CA ASN C 66 -22.03 17.31 21.16
C ASN C 66 -23.26 17.13 20.27
N ALA C 67 -23.42 17.98 19.26
CA ALA C 67 -24.58 17.88 18.38
C ALA C 67 -24.54 16.57 17.60
N THR C 68 -25.71 15.96 17.43
CA THR C 68 -25.77 14.67 16.76
C THR C 68 -25.51 14.78 15.26
N ARG C 69 -25.89 15.90 14.65
CA ARG C 69 -25.64 16.15 13.23
C ARG C 69 -24.79 17.40 13.07
N PHE C 70 -23.92 17.39 12.06
CA PHE C 70 -23.14 18.56 11.69
C PHE C 70 -23.49 18.95 10.27
N ALA C 71 -23.13 20.18 9.92
CA ALA C 71 -23.44 20.72 8.60
C ALA C 71 -22.33 20.38 7.60
N SER C 72 -22.66 20.54 6.33
CA SER C 72 -21.63 20.52 5.29
C SER C 72 -20.87 21.82 5.30
N VAL C 73 -19.59 21.77 4.91
CA VAL C 73 -18.73 22.93 5.03
C VAL C 73 -19.25 24.09 4.19
N TYR C 74 -19.91 23.79 3.06
CA TYR C 74 -20.44 24.87 2.22
C TYR C 74 -21.59 25.60 2.89
N ALA C 75 -22.35 24.93 3.74
CA ALA C 75 -23.45 25.55 4.45
C ALA C 75 -23.20 25.53 5.96
N TRP C 76 -22.04 26.00 6.38
CA TRP C 76 -21.62 25.86 7.77
C TRP C 76 -22.60 26.56 8.70
N ASN C 77 -22.78 25.97 9.88
CA ASN C 77 -23.66 26.54 10.90
C ASN C 77 -22.93 27.60 11.71
N ARG C 78 -23.70 28.52 12.28
CA ARG C 78 -23.16 29.53 13.17
C ARG C 78 -24.05 29.64 14.40
N LYS C 79 -23.44 29.46 15.57
CA LYS C 79 -24.10 29.69 16.84
C LYS C 79 -23.57 30.99 17.42
N ARG C 80 -24.49 31.93 17.64
CA ARG C 80 -24.27 33.22 18.30
C ARG C 80 -24.51 33.11 19.80
N ILE C 81 -23.42 33.05 20.56
CA ILE C 81 -23.46 32.88 22.00
C ILE C 81 -23.58 34.24 22.68
N SER C 82 -24.56 34.38 23.58
CA SER C 82 -24.84 35.67 24.20
C SER C 82 -25.31 35.47 25.64
N ASN C 83 -25.02 36.46 26.48
CA ASN C 83 -25.46 36.52 27.88
C ASN C 83 -25.24 35.20 28.62
N CYS C 84 -23.98 34.83 28.76
CA CYS C 84 -23.65 33.60 29.47
C CYS C 84 -22.21 33.66 29.97
N VAL C 85 -21.84 32.63 30.73
CA VAL C 85 -20.50 32.48 31.27
C VAL C 85 -19.93 31.15 30.76
N ALA C 86 -18.65 31.16 30.38
CA ALA C 86 -18.05 30.04 29.68
C ALA C 86 -16.72 29.69 30.32
N ASP C 87 -16.49 28.40 30.56
CA ASP C 87 -15.16 27.94 30.94
C ASP C 87 -14.50 27.35 29.70
N TYR C 88 -13.57 28.12 29.13
CA TYR C 88 -12.84 27.66 27.95
C TYR C 88 -11.82 26.59 28.33
N SER C 89 -11.36 26.57 29.57
CA SER C 89 -10.43 25.54 30.00
C SER C 89 -11.12 24.18 30.18
N VAL C 90 -12.41 24.18 30.51
CA VAL C 90 -13.16 22.92 30.54
C VAL C 90 -13.25 22.31 29.15
N LEU C 91 -13.58 23.12 28.13
CA LEU C 91 -13.44 22.64 26.76
C LEU C 91 -12.08 22.00 26.53
N TYR C 92 -11.00 22.78 26.71
CA TYR C 92 -9.68 22.33 26.28
C TYR C 92 -9.33 20.98 26.88
N ASN C 93 -9.74 20.74 28.12
CA ASN C 93 -9.45 19.46 28.77
C ASN C 93 -10.59 18.47 28.48
N SER C 94 -10.68 18.11 27.20
CA SER C 94 -11.48 16.97 26.76
C SER C 94 -10.63 15.79 26.31
N ALA C 95 -9.36 16.01 26.00
CA ALA C 95 -8.40 14.97 25.63
C ALA C 95 -8.90 14.13 24.46
N SER C 96 -9.93 14.61 23.76
CA SER C 96 -10.46 13.98 22.56
C SER C 96 -10.26 14.83 21.33
N PHE C 97 -9.76 16.05 21.48
CA PHE C 97 -9.60 16.98 20.38
C PHE C 97 -8.24 16.77 19.73
N SER C 98 -8.23 16.49 18.42
CA SER C 98 -6.99 16.32 17.69
C SER C 98 -6.36 17.65 17.32
N THR C 99 -7.17 18.70 17.21
CA THR C 99 -6.67 20.03 16.91
C THR C 99 -7.37 21.02 17.82
N PHE C 100 -6.63 21.70 18.64
CA PHE C 100 -7.21 22.78 19.37
C PHE C 100 -6.09 23.77 19.71
N LYS C 101 -6.02 24.65 18.68
CA LYS C 101 -5.01 25.62 18.32
C LYS C 101 -5.69 26.98 18.20
N CYS C 102 -5.39 27.84 19.16
CA CYS C 102 -6.02 29.16 19.24
C CYS C 102 -5.05 30.23 18.74
N TYR C 103 -5.57 31.22 18.01
CA TYR C 103 -4.74 32.23 17.37
C TYR C 103 -5.03 33.57 18.03
N GLY C 104 -3.98 34.23 18.52
CA GLY C 104 -4.13 35.54 19.10
C GLY C 104 -4.70 35.58 20.51
N VAL C 105 -4.71 34.45 21.22
CA VAL C 105 -5.16 34.38 22.61
C VAL C 105 -4.81 32.99 23.13
N SER C 106 -5.05 32.76 24.42
CA SER C 106 -4.80 31.47 25.05
C SER C 106 -6.04 31.01 25.79
N PRO C 107 -6.26 29.69 25.90
CA PRO C 107 -7.48 29.21 26.57
C PRO C 107 -7.60 29.70 28.00
N THR C 108 -6.49 29.69 28.74
CA THR C 108 -6.50 30.16 30.12
C THR C 108 -6.87 31.64 30.16
N LYS C 109 -6.21 32.43 29.32
CA LYS C 109 -6.43 33.87 29.27
C LYS C 109 -7.86 34.21 28.82
N LEU C 110 -8.42 33.42 27.91
CA LEU C 110 -9.83 33.58 27.54
C LEU C 110 -10.75 33.57 28.76
N ASN C 111 -10.44 32.77 29.77
CA ASN C 111 -11.30 32.77 30.94
C ASN C 111 -11.32 34.13 31.64
N ASP C 112 -10.29 34.96 31.45
CA ASP C 112 -10.33 36.26 32.11
C ASP C 112 -10.95 37.32 31.22
N LEU C 113 -10.85 37.15 29.91
CA LEU C 113 -11.36 38.14 28.97
C LEU C 113 -12.89 38.11 28.96
N CYS C 114 -13.47 39.25 28.55
CA CYS C 114 -14.89 39.37 28.34
C CYS C 114 -15.13 39.84 26.91
N PHE C 115 -16.23 39.39 26.32
CA PHE C 115 -16.56 39.69 24.93
C PHE C 115 -18.03 40.00 24.81
N THR C 116 -18.36 40.80 23.79
CA THR C 116 -19.77 41.12 23.53
C THR C 116 -20.50 39.89 22.98
N ASN C 117 -19.94 39.27 21.95
CA ASN C 117 -20.53 38.10 21.33
C ASN C 117 -19.45 37.09 21.01
N VAL C 118 -19.79 35.81 21.11
CA VAL C 118 -18.92 34.72 20.72
C VAL C 118 -19.68 33.88 19.69
N TYR C 119 -19.00 33.55 18.59
CA TYR C 119 -19.60 32.77 17.51
C TYR C 119 -18.94 31.40 17.44
N ALA C 120 -19.75 30.36 17.40
CA ALA C 120 -19.29 28.99 17.22
C ALA C 120 -19.75 28.52 15.85
N ASP C 121 -18.82 28.41 14.91
CA ASP C 121 -19.10 27.87 13.58
C ASP C 121 -18.68 26.40 13.55
N SER C 122 -19.41 25.61 12.76
CA SER C 122 -19.21 24.16 12.78
C SER C 122 -19.57 23.56 11.42
N PHE C 123 -18.86 22.51 11.06
CA PHE C 123 -18.96 21.87 9.76
C PHE C 123 -18.11 20.60 9.77
N VAL C 124 -18.20 19.83 8.69
CA VAL C 124 -17.44 18.59 8.53
C VAL C 124 -16.61 18.70 7.27
N ILE C 125 -15.30 18.39 7.39
CA ILE C 125 -14.38 18.35 6.27
C ILE C 125 -13.53 17.09 6.36
N ARG C 126 -12.73 16.87 5.32
CA ARG C 126 -11.78 15.77 5.31
C ARG C 126 -10.66 16.00 6.32
N GLY C 127 -10.02 14.90 6.71
CA GLY C 127 -8.89 15.02 7.62
C GLY C 127 -7.77 15.88 7.06
N ASP C 128 -7.43 15.69 5.80
CA ASP C 128 -6.32 16.42 5.19
C ASP C 128 -6.67 17.85 4.82
N GLU C 129 -7.89 18.31 5.09
CA GLU C 129 -8.28 19.68 4.83
C GLU C 129 -8.43 20.51 6.10
N VAL C 130 -8.13 19.94 7.26
CA VAL C 130 -8.19 20.70 8.51
C VAL C 130 -7.11 21.77 8.55
N ARG C 131 -5.98 21.52 7.87
CA ARG C 131 -4.92 22.53 7.81
C ARG C 131 -5.38 23.80 7.10
N GLN C 132 -6.48 23.74 6.36
CA GLN C 132 -6.99 24.92 5.68
C GLN C 132 -7.87 25.79 6.57
N ILE C 133 -8.42 25.23 7.65
CA ILE C 133 -9.16 26.04 8.60
C ILE C 133 -8.17 26.74 9.51
N ALA C 134 -7.44 27.70 8.94
CA ALA C 134 -6.44 28.49 9.63
C ALA C 134 -6.30 29.81 8.90
N PRO C 135 -5.78 30.84 9.57
CA PRO C 135 -5.53 32.10 8.87
C PRO C 135 -4.41 31.94 7.84
N GLY C 136 -4.59 32.61 6.70
CA GLY C 136 -3.56 32.66 5.68
C GLY C 136 -3.44 31.43 4.81
N GLN C 137 -4.49 30.63 4.70
CA GLN C 137 -4.45 29.38 3.97
C GLN C 137 -5.23 29.48 2.67
N THR C 138 -4.86 28.64 1.71
CA THR C 138 -5.56 28.54 0.44
C THR C 138 -5.83 27.07 0.12
N GLY C 139 -6.82 26.85 -0.73
CA GLY C 139 -7.29 25.51 -1.02
C GLY C 139 -8.80 25.51 -1.18
N LYS C 140 -9.37 24.39 -1.62
CA LYS C 140 -10.78 24.37 -1.99
C LYS C 140 -11.69 24.72 -0.81
N ILE C 141 -11.33 24.27 0.40
CA ILE C 141 -12.16 24.57 1.55
C ILE C 141 -12.01 26.03 1.96
N ALA C 142 -10.76 26.50 2.08
CA ALA C 142 -10.53 27.88 2.48
C ALA C 142 -11.00 28.86 1.43
N ASP C 143 -10.89 28.49 0.15
CA ASP C 143 -11.21 29.44 -0.91
C ASP C 143 -12.71 29.46 -1.24
N TYR C 144 -13.38 28.32 -1.20
CA TYR C 144 -14.75 28.23 -1.69
C TYR C 144 -15.75 27.78 -0.64
N ASN C 145 -15.34 27.63 0.63
CA ASN C 145 -16.25 27.05 1.60
C ASN C 145 -16.22 27.78 2.94
N TYR C 146 -15.08 27.80 3.62
CA TYR C 146 -14.97 28.47 4.91
C TYR C 146 -13.65 29.22 4.98
N LYS C 147 -13.71 30.55 5.00
CA LYS C 147 -12.53 31.40 5.00
C LYS C 147 -12.38 32.09 6.34
N LEU C 148 -11.19 31.97 6.93
CA LEU C 148 -10.90 32.72 8.15
C LEU C 148 -10.12 33.97 7.81
N PRO C 149 -10.38 35.07 8.51
CA PRO C 149 -9.61 36.29 8.28
C PRO C 149 -8.16 36.09 8.69
N ASP C 150 -7.26 36.83 8.03
CA ASP C 150 -5.85 36.76 8.39
C ASP C 150 -5.58 37.34 9.77
N ASP C 151 -6.53 38.12 10.31
CA ASP C 151 -6.38 38.78 11.60
C ASP C 151 -7.26 38.10 12.65
N PHE C 152 -7.14 36.79 12.80
CA PHE C 152 -8.12 35.97 13.49
C PHE C 152 -7.81 35.89 14.98
N THR C 153 -8.76 36.36 15.79
CA THR C 153 -8.75 36.13 17.24
C THR C 153 -9.81 35.09 17.52
N GLY C 154 -9.38 33.85 17.73
CA GLY C 154 -10.31 32.78 18.02
C GLY C 154 -9.60 31.45 18.12
N CYS C 155 -10.40 30.39 18.26
CA CYS C 155 -9.89 29.04 18.40
C CYS C 155 -10.45 28.16 17.29
N VAL C 156 -9.67 27.14 16.93
CA VAL C 156 -10.08 26.15 15.94
C VAL C 156 -9.96 24.77 16.58
N ILE C 157 -11.10 24.09 16.73
CA ILE C 157 -11.15 22.78 17.35
C ILE C 157 -11.65 21.78 16.32
N ALA C 158 -11.00 20.62 16.26
CA ALA C 158 -11.43 19.56 15.34
C ALA C 158 -11.13 18.21 15.97
N TRP C 159 -11.98 17.23 15.65
CA TRP C 159 -11.78 15.87 16.10
C TRP C 159 -12.28 14.89 15.04
N ASN C 160 -11.72 13.69 15.05
CA ASN C 160 -12.11 12.66 14.11
C ASN C 160 -13.52 12.17 14.42
N SER C 161 -14.34 12.01 13.38
CA SER C 161 -15.73 11.59 13.54
C SER C 161 -16.04 10.38 12.66
N ASN C 162 -15.03 9.56 12.37
CA ASN C 162 -15.21 8.41 11.49
C ASN C 162 -16.32 7.49 11.98
N ASN C 163 -16.44 7.31 13.30
CA ASN C 163 -17.47 6.46 13.86
C ASN C 163 -18.87 7.07 13.77
N LEU C 164 -18.97 8.40 13.64
CA LEU C 164 -20.25 9.08 13.63
C LEU C 164 -20.71 9.46 12.22
N ASP C 165 -19.79 9.79 11.32
CA ASP C 165 -20.13 10.40 10.06
C ASP C 165 -19.81 9.55 8.84
N SER C 166 -19.23 8.38 9.03
CA SER C 166 -18.96 7.48 7.92
C SER C 166 -19.89 6.27 8.00
N LYS C 167 -20.26 5.74 6.84
CA LYS C 167 -21.24 4.67 6.77
C LYS C 167 -20.85 3.67 5.69
N VAL C 168 -21.21 2.41 5.90
CA VAL C 168 -21.05 1.40 4.86
C VAL C 168 -21.95 1.73 3.69
N GLY C 169 -21.44 1.54 2.47
CA GLY C 169 -22.08 2.08 1.29
C GLY C 169 -21.76 3.53 1.04
N GLY C 170 -20.82 4.10 1.79
CA GLY C 170 -20.46 5.49 1.67
C GLY C 170 -21.50 6.43 2.25
N ASN C 171 -21.07 7.36 3.11
CA ASN C 171 -21.91 8.47 3.53
C ASN C 171 -21.66 9.61 2.55
N TYR C 172 -22.63 9.87 1.69
CA TYR C 172 -22.49 10.86 0.62
C TYR C 172 -23.33 12.11 0.89
N ASN C 173 -23.63 12.40 2.15
CA ASN C 173 -24.48 13.52 2.49
C ASN C 173 -23.72 14.80 2.79
N TYR C 174 -22.43 14.70 3.12
CA TYR C 174 -21.61 15.87 3.40
C TYR C 174 -20.98 16.38 2.11
N LEU C 175 -21.14 17.67 1.84
CA LEU C 175 -20.73 18.24 0.55
C LEU C 175 -19.74 19.39 0.75
N TYR C 176 -19.13 19.79 -0.37
CA TYR C 176 -18.19 20.90 -0.39
C TYR C 176 -18.24 21.54 -1.78
N ARG C 177 -17.97 22.85 -1.83
CA ARG C 177 -17.99 23.58 -3.09
C ARG C 177 -16.68 23.35 -3.85
N LEU C 178 -16.79 22.82 -5.06
CA LEU C 178 -15.63 22.56 -5.90
C LEU C 178 -15.35 23.70 -6.88
N PHE C 179 -16.37 24.34 -7.43
CA PHE C 179 -16.21 25.37 -8.44
C PHE C 179 -16.75 26.70 -7.93
N ARG C 180 -15.93 27.74 -8.06
CA ARG C 180 -16.37 29.10 -7.77
C ARG C 180 -15.38 30.06 -8.42
N LYS C 181 -15.90 31.12 -9.03
CA LYS C 181 -15.07 32.03 -9.80
C LYS C 181 -14.21 32.93 -8.94
N SER C 182 -14.49 33.02 -7.65
CA SER C 182 -13.78 33.96 -6.78
C SER C 182 -13.74 33.41 -5.36
N ASN C 183 -12.63 33.65 -4.67
CA ASN C 183 -12.49 33.20 -3.30
C ASN C 183 -13.54 33.85 -2.40
N LEU C 184 -13.99 33.10 -1.40
CA LEU C 184 -14.91 33.66 -0.42
C LEU C 184 -14.22 34.74 0.38
N LYS C 185 -15.01 35.71 0.84
CA LYS C 185 -14.53 36.65 1.83
C LYS C 185 -14.60 36.01 3.22
N PRO C 186 -13.78 36.47 4.16
CA PRO C 186 -13.79 35.88 5.50
C PRO C 186 -15.19 35.86 6.10
N PHE C 187 -15.60 34.67 6.56
CA PHE C 187 -16.90 34.43 7.18
C PHE C 187 -18.06 34.60 6.19
N GLU C 188 -17.83 34.26 4.92
CA GLU C 188 -18.89 34.22 3.92
C GLU C 188 -19.43 32.80 3.79
N ARG C 189 -20.68 32.70 3.33
CA ARG C 189 -21.41 31.43 3.29
C ARG C 189 -22.17 31.38 1.97
N ASP C 190 -21.60 30.67 0.99
CA ASP C 190 -22.19 30.55 -0.34
C ASP C 190 -22.96 29.24 -0.40
N ILE C 191 -24.30 29.33 -0.36
CA ILE C 191 -25.16 28.16 -0.45
C ILE C 191 -25.71 27.97 -1.87
N SER C 192 -25.23 28.75 -2.84
CA SER C 192 -25.71 28.64 -4.21
C SER C 192 -25.53 27.23 -4.74
N THR C 193 -26.61 26.68 -5.31
CA THR C 193 -26.55 25.42 -6.04
C THR C 193 -26.83 25.61 -7.52
N GLU C 194 -26.59 26.83 -8.03
CA GLU C 194 -26.74 27.05 -9.46
C GLU C 194 -25.59 26.38 -10.21
N ILE C 195 -25.89 25.92 -11.43
CA ILE C 195 -24.88 25.28 -12.24
C ILE C 195 -23.75 26.26 -12.52
N TYR C 196 -22.52 25.78 -12.36
CA TYR C 196 -21.33 26.59 -12.61
C TYR C 196 -21.08 26.69 -14.12
N GLN C 197 -20.85 27.91 -14.61
CA GLN C 197 -20.67 28.18 -16.03
C GLN C 197 -19.19 28.23 -16.34
N ALA C 198 -18.68 27.21 -17.04
CA ALA C 198 -17.27 27.10 -17.35
C ALA C 198 -16.91 27.63 -18.73
N GLY C 199 -17.90 27.92 -19.58
CA GLY C 199 -17.63 28.44 -20.90
C GLY C 199 -18.49 29.64 -21.25
N SER C 200 -18.59 29.97 -22.54
CA SER C 200 -19.33 31.15 -22.95
C SER C 200 -20.83 30.87 -23.09
N THR C 201 -21.21 29.64 -23.39
CA THR C 201 -22.62 29.33 -23.59
C THR C 201 -23.35 29.32 -22.25
N PRO C 202 -24.53 29.94 -22.17
CA PRO C 202 -25.32 29.86 -20.93
C PRO C 202 -25.75 28.43 -20.65
N CYS C 203 -25.91 28.14 -19.35
CA CYS C 203 -26.15 26.76 -18.91
C CYS C 203 -27.63 26.40 -18.86
N ASN C 204 -28.49 27.33 -18.49
CA ASN C 204 -29.94 27.11 -18.44
C ASN C 204 -30.29 25.92 -17.54
N GLY C 205 -29.69 25.89 -16.36
CA GLY C 205 -30.04 24.92 -15.33
C GLY C 205 -29.69 23.47 -15.62
N VAL C 206 -29.08 23.19 -16.77
CA VAL C 206 -28.79 21.83 -17.20
C VAL C 206 -27.29 21.59 -17.06
N GLU C 207 -26.93 20.59 -16.25
CA GLU C 207 -25.55 20.15 -16.15
C GLU C 207 -25.12 19.48 -17.44
N GLY C 208 -23.98 19.90 -17.97
CA GLY C 208 -23.46 19.30 -19.18
C GLY C 208 -22.03 19.71 -19.41
N PHE C 209 -21.61 19.63 -20.67
CA PHE C 209 -20.28 20.13 -21.02
C PHE C 209 -20.19 21.61 -20.66
N ASN C 210 -19.08 21.98 -20.01
CA ASN C 210 -18.82 23.35 -19.59
C ASN C 210 -19.88 23.87 -18.63
N CYS C 211 -20.65 22.98 -18.00
CA CYS C 211 -21.73 23.34 -17.10
C CYS C 211 -21.73 22.33 -15.95
N TYR C 212 -21.27 22.76 -14.77
CA TYR C 212 -20.99 21.83 -13.68
C TYR C 212 -21.87 22.12 -12.47
N PHE C 213 -22.29 21.05 -11.79
CA PHE C 213 -22.89 21.20 -10.47
C PHE C 213 -21.80 21.62 -9.50
N PRO C 214 -21.97 22.73 -8.78
CA PRO C 214 -20.84 23.31 -8.03
C PRO C 214 -20.43 22.53 -6.80
N LEU C 215 -21.26 21.61 -6.32
CA LEU C 215 -20.97 20.85 -5.11
C LEU C 215 -20.58 19.43 -5.46
N GLN C 216 -19.66 18.88 -4.68
CA GLN C 216 -19.28 17.48 -4.76
C GLN C 216 -19.43 16.86 -3.38
N SER C 217 -19.56 15.55 -3.37
CA SER C 217 -19.82 14.80 -2.15
C SER C 217 -18.51 14.21 -1.60
N TYR C 218 -18.29 14.37 -0.29
CA TYR C 218 -17.31 13.55 0.39
C TYR C 218 -17.81 12.11 0.43
N GLY C 219 -16.90 11.17 0.20
CA GLY C 219 -17.26 9.77 0.33
C GLY C 219 -16.73 9.16 1.61
N PHE C 220 -17.46 9.35 2.71
CA PHE C 220 -16.99 8.91 4.02
C PHE C 220 -17.38 7.45 4.25
N GLN C 221 -16.37 6.59 4.33
CA GLN C 221 -16.52 5.16 4.47
C GLN C 221 -15.93 4.92 5.85
N PRO C 222 -16.14 3.74 6.44
CA PRO C 222 -15.35 3.42 7.66
C PRO C 222 -13.83 3.27 7.46
N THR C 223 -13.33 2.61 6.42
CA THR C 223 -11.89 2.36 6.30
C THR C 223 -11.16 3.29 5.35
N ASN C 224 -11.62 4.53 5.16
CA ASN C 224 -10.80 5.52 4.46
C ASN C 224 -9.55 5.84 5.29
N GLY C 225 -8.48 6.25 4.61
CA GLY C 225 -7.34 6.79 5.32
C GLY C 225 -7.73 8.01 6.12
N VAL C 226 -6.97 8.26 7.20
CA VAL C 226 -7.30 9.35 8.12
C VAL C 226 -7.44 10.67 7.37
N GLY C 227 -6.65 10.87 6.32
CA GLY C 227 -6.78 12.07 5.52
C GLY C 227 -8.08 12.16 4.74
N TYR C 228 -8.75 11.03 4.53
CA TYR C 228 -10.04 11.01 3.84
C TYR C 228 -11.20 10.68 4.78
N GLN C 229 -10.93 10.62 6.08
CA GLN C 229 -11.93 10.37 7.12
C GLN C 229 -12.56 11.68 7.56
N PRO C 230 -13.81 11.65 8.02
CA PRO C 230 -14.48 12.90 8.41
C PRO C 230 -13.91 13.45 9.70
N TYR C 231 -13.83 14.77 9.77
CA TYR C 231 -13.46 15.49 10.99
C TYR C 231 -14.50 16.55 11.25
N ARG C 232 -15.00 16.62 12.47
CA ARG C 232 -15.89 17.70 12.87
C ARG C 232 -15.07 18.86 13.39
N VAL C 233 -15.43 20.06 12.96
CA VAL C 233 -14.66 21.26 13.24
C VAL C 233 -15.56 22.29 13.90
N VAL C 234 -15.05 22.93 14.95
CA VAL C 234 -15.72 24.06 15.59
C VAL C 234 -14.72 25.21 15.62
N VAL C 235 -15.12 26.36 15.05
CA VAL C 235 -14.31 27.56 15.08
C VAL C 235 -14.99 28.57 15.99
N LEU C 236 -14.31 28.94 17.07
CA LEU C 236 -14.81 29.95 18.00
C LEU C 236 -14.27 31.31 17.61
N SER C 237 -15.16 32.27 17.43
CA SER C 237 -14.81 33.64 17.08
C SER C 237 -15.18 34.55 18.24
N PHE C 238 -14.25 35.41 18.64
CA PHE C 238 -14.43 36.28 19.79
C PHE C 238 -14.51 37.73 19.32
N GLU C 239 -15.46 38.47 19.89
CA GLU C 239 -15.90 39.74 19.31
C GLU C 239 -16.04 40.82 20.39
N LEU C 240 -15.13 41.80 20.36
CA LEU C 240 -15.37 43.11 20.96
C LEU C 240 -16.19 43.96 20.01
N LEU C 241 -17.47 44.13 20.31
CA LEU C 241 -18.20 45.29 19.81
C LEU C 241 -18.29 46.38 20.85
N HIS C 242 -18.26 47.62 20.38
CA HIS C 242 -18.67 48.80 21.12
C HIS C 242 -20.09 48.68 21.70
N ALA C 243 -20.24 47.71 22.61
CA ALA C 243 -21.51 47.33 23.23
C ALA C 243 -21.18 46.55 24.50
N PRO C 244 -22.18 46.30 25.36
CA PRO C 244 -21.88 45.59 26.61
C PRO C 244 -21.30 44.19 26.39
N ALA C 245 -20.20 43.89 27.07
CA ALA C 245 -19.61 42.56 27.03
C ALA C 245 -20.43 41.62 27.91
N THR C 246 -20.97 40.56 27.30
CA THR C 246 -21.94 39.70 27.98
C THR C 246 -21.54 38.23 28.02
N VAL C 247 -20.33 37.88 27.60
CA VAL C 247 -19.81 36.52 27.69
C VAL C 247 -18.47 36.57 28.42
N CYS C 248 -18.42 35.99 29.62
CA CYS C 248 -17.27 36.12 30.49
C CYS C 248 -16.95 34.76 31.11
N GLY C 249 -15.99 34.75 32.02
CA GLY C 249 -15.55 33.52 32.67
C GLY C 249 -15.80 33.48 34.17
N ASN D 57 -13.40 -40.11 -36.69
CA ASN D 57 -13.48 -38.78 -36.09
C ASN D 57 -12.69 -38.71 -34.80
N LEU D 58 -11.44 -38.24 -34.87
CA LEU D 58 -10.64 -38.11 -33.66
C LEU D 58 -11.26 -37.08 -32.73
N CYS D 59 -11.34 -37.43 -31.44
CA CYS D 59 -11.84 -36.49 -30.47
C CYS D 59 -10.88 -35.30 -30.38
N PRO D 60 -11.38 -34.12 -30.36
CA PRO D 60 -10.42 -33.02 -30.36
C PRO D 60 -9.76 -32.68 -29.03
N PHE D 61 -8.89 -33.53 -28.45
CA PHE D 61 -8.49 -32.96 -27.17
C PHE D 61 -7.39 -31.91 -27.33
N GLY D 62 -6.80 -31.80 -28.51
CA GLY D 62 -5.75 -30.82 -28.68
C GLY D 62 -6.23 -29.40 -28.53
N GLU D 63 -7.51 -29.16 -28.83
CA GLU D 63 -8.09 -27.83 -28.66
C GLU D 63 -8.25 -27.46 -27.19
N VAL D 64 -8.23 -28.44 -26.29
CA VAL D 64 -8.29 -28.18 -24.86
C VAL D 64 -6.88 -28.12 -24.31
N PHE D 65 -6.11 -29.20 -24.50
CA PHE D 65 -4.79 -29.29 -23.87
C PHE D 65 -3.79 -28.33 -24.49
N ASN D 66 -3.82 -28.16 -25.82
CA ASN D 66 -2.88 -27.30 -26.51
C ASN D 66 -3.47 -25.93 -26.85
N ALA D 67 -4.55 -25.54 -26.17
CA ALA D 67 -5.13 -24.23 -26.41
C ALA D 67 -4.20 -23.13 -25.95
N THR D 68 -4.13 -22.05 -26.74
CA THR D 68 -3.20 -20.97 -26.44
C THR D 68 -3.59 -20.20 -25.19
N ARG D 69 -4.88 -20.09 -24.90
CA ARG D 69 -5.39 -19.32 -23.77
C ARG D 69 -6.22 -20.20 -22.86
N PHE D 70 -5.93 -20.15 -21.56
CA PHE D 70 -6.77 -20.79 -20.56
C PHE D 70 -7.58 -19.76 -19.78
N ALA D 71 -8.69 -20.23 -19.24
CA ALA D 71 -9.56 -19.39 -18.43
C ALA D 71 -9.06 -19.33 -16.99
N SER D 72 -9.61 -18.39 -16.23
CA SER D 72 -9.37 -18.34 -14.80
C SER D 72 -10.27 -19.36 -14.11
N VAL D 73 -9.82 -19.83 -12.94
CA VAL D 73 -10.51 -20.94 -12.28
C VAL D 73 -11.95 -20.56 -11.93
N TYR D 74 -12.21 -19.29 -11.64
CA TYR D 74 -13.56 -18.90 -11.28
C TYR D 74 -14.51 -18.94 -12.46
N ALA D 75 -13.98 -18.78 -13.68
CA ALA D 75 -14.81 -18.80 -14.88
C ALA D 75 -14.36 -19.93 -15.80
N TRP D 76 -14.25 -21.14 -15.26
CA TRP D 76 -13.64 -22.24 -15.98
C TRP D 76 -14.42 -22.59 -17.25
N ASN D 77 -13.69 -23.06 -18.24
CA ASN D 77 -14.24 -23.42 -19.54
C ASN D 77 -14.63 -24.89 -19.56
N ARG D 78 -15.69 -25.21 -20.28
CA ARG D 78 -16.14 -26.60 -20.44
C ARG D 78 -16.30 -26.89 -21.92
N LYS D 79 -15.60 -27.93 -22.40
CA LYS D 79 -15.78 -28.44 -23.75
C LYS D 79 -16.62 -29.71 -23.68
N ARG D 80 -17.72 -29.71 -24.42
CA ARG D 80 -18.51 -30.92 -24.59
C ARG D 80 -17.88 -31.76 -25.69
N ILE D 81 -17.55 -33.00 -25.38
CA ILE D 81 -16.94 -33.94 -26.33
C ILE D 81 -17.96 -35.02 -26.62
N SER D 82 -18.36 -35.11 -27.89
CA SER D 82 -19.35 -36.10 -28.30
C SER D 82 -19.09 -36.49 -29.75
N ASN D 83 -19.48 -37.72 -30.09
CA ASN D 83 -19.46 -38.23 -31.47
C ASN D 83 -18.03 -38.23 -32.03
N CYS D 84 -17.15 -38.98 -31.38
CA CYS D 84 -15.76 -39.03 -31.79
C CYS D 84 -15.08 -40.21 -31.11
N VAL D 85 -13.88 -40.52 -31.60
CA VAL D 85 -13.04 -41.58 -31.04
C VAL D 85 -11.86 -40.95 -30.33
N ALA D 86 -11.49 -41.52 -29.18
CA ALA D 86 -10.46 -40.94 -28.33
C ALA D 86 -9.47 -42.01 -27.94
N ASP D 87 -8.19 -41.75 -28.23
CA ASP D 87 -7.09 -42.54 -27.66
C ASP D 87 -6.55 -41.72 -26.50
N TYR D 88 -6.90 -42.12 -25.28
CA TYR D 88 -6.41 -41.39 -24.12
C TYR D 88 -4.99 -41.82 -23.76
N SER D 89 -4.59 -43.03 -24.17
CA SER D 89 -3.24 -43.50 -23.87
C SER D 89 -2.19 -42.61 -24.51
N VAL D 90 -2.49 -42.00 -25.66
CA VAL D 90 -1.53 -41.07 -26.26
C VAL D 90 -1.36 -39.86 -25.36
N LEU D 91 -2.43 -39.44 -24.65
CA LEU D 91 -2.31 -38.34 -23.70
C LEU D 91 -1.41 -38.75 -22.53
N TYR D 92 -1.64 -39.93 -21.97
CA TYR D 92 -0.88 -40.36 -20.80
C TYR D 92 0.61 -40.43 -21.10
N ASN D 93 0.97 -41.09 -22.21
CA ASN D 93 2.36 -41.28 -22.54
C ASN D 93 2.96 -40.11 -23.31
N SER D 94 2.13 -39.16 -23.77
CA SER D 94 2.67 -37.89 -24.24
C SER D 94 3.38 -37.14 -23.11
N ALA D 95 3.05 -37.47 -21.87
CA ALA D 95 3.74 -37.01 -20.66
C ALA D 95 3.80 -35.48 -20.68
N SER D 96 4.87 -34.91 -20.11
CA SER D 96 4.98 -33.49 -19.82
C SER D 96 3.86 -33.03 -18.87
N PHE D 97 3.29 -33.97 -18.13
CA PHE D 97 2.21 -33.70 -17.17
C PHE D 97 2.73 -33.98 -15.76
N SER D 98 2.74 -32.96 -14.92
CA SER D 98 3.15 -33.15 -13.53
C SER D 98 2.14 -33.98 -12.76
N THR D 99 0.86 -33.84 -13.09
CA THR D 99 -0.22 -34.57 -12.44
C THR D 99 -1.13 -35.14 -13.50
N PHE D 100 -1.49 -36.40 -13.38
CA PHE D 100 -2.47 -36.99 -14.28
C PHE D 100 -3.01 -38.25 -13.61
N LYS D 101 -3.88 -38.02 -12.65
CA LYS D 101 -4.41 -39.09 -11.79
C LYS D 101 -5.88 -39.28 -12.15
N CYS D 102 -6.27 -40.53 -12.40
CA CYS D 102 -7.64 -40.85 -12.79
C CYS D 102 -8.35 -41.49 -11.60
N TYR D 103 -9.62 -41.11 -11.41
CA TYR D 103 -10.45 -41.64 -10.34
C TYR D 103 -11.62 -42.40 -10.96
N GLY D 104 -11.83 -43.63 -10.50
CA GLY D 104 -12.92 -44.45 -10.99
C GLY D 104 -12.67 -45.19 -12.27
N VAL D 105 -11.44 -45.08 -12.84
CA VAL D 105 -11.12 -45.74 -14.09
C VAL D 105 -9.63 -45.57 -14.31
N SER D 106 -9.04 -46.47 -15.11
CA SER D 106 -7.61 -46.38 -15.45
C SER D 106 -7.42 -46.03 -16.92
N PRO D 107 -6.32 -45.36 -17.28
CA PRO D 107 -6.18 -44.85 -18.66
C PRO D 107 -6.27 -45.92 -19.72
N THR D 108 -5.70 -47.10 -19.48
CA THR D 108 -5.84 -48.20 -20.42
C THR D 108 -7.29 -48.61 -20.58
N LYS D 109 -8.02 -48.72 -19.46
CA LYS D 109 -9.36 -49.29 -19.47
C LYS D 109 -10.37 -48.37 -20.15
N LEU D 110 -10.27 -47.06 -19.91
CA LEU D 110 -11.15 -46.12 -20.58
C LEU D 110 -10.86 -45.96 -22.06
N ASN D 111 -9.66 -46.34 -22.52
CA ASN D 111 -9.45 -46.49 -23.96
C ASN D 111 -10.30 -47.62 -24.54
N ASP D 112 -10.90 -48.45 -23.67
CA ASP D 112 -11.71 -49.59 -24.06
C ASP D 112 -13.19 -49.42 -23.71
N LEU D 113 -13.54 -48.31 -23.05
CA LEU D 113 -14.89 -48.01 -22.58
C LEU D 113 -15.60 -47.02 -23.49
N CYS D 114 -16.93 -47.04 -23.40
CA CYS D 114 -17.79 -46.17 -24.20
C CYS D 114 -18.57 -45.24 -23.27
N PHE D 115 -18.72 -43.98 -23.69
CA PHE D 115 -19.35 -42.97 -22.86
C PHE D 115 -20.28 -42.10 -23.70
N THR D 116 -21.35 -41.64 -23.07
CA THR D 116 -22.34 -40.82 -23.76
C THR D 116 -21.76 -39.48 -24.19
N ASN D 117 -21.32 -38.69 -23.22
CA ASN D 117 -20.55 -37.48 -23.48
C ASN D 117 -19.29 -37.49 -22.62
N VAL D 118 -18.32 -36.67 -23.03
CA VAL D 118 -17.10 -36.46 -22.28
C VAL D 118 -16.96 -34.97 -22.07
N TYR D 119 -16.71 -34.55 -20.84
CA TYR D 119 -16.57 -33.15 -20.53
C TYR D 119 -15.11 -32.83 -20.22
N ALA D 120 -14.63 -31.71 -20.75
CA ALA D 120 -13.25 -31.27 -20.58
C ALA D 120 -13.27 -29.87 -19.99
N ASP D 121 -13.06 -29.78 -18.68
CA ASP D 121 -12.99 -28.51 -17.97
C ASP D 121 -11.54 -28.11 -17.81
N SER D 122 -11.22 -26.86 -18.14
CA SER D 122 -9.85 -26.36 -18.11
C SER D 122 -9.80 -24.99 -17.47
N PHE D 123 -8.73 -24.74 -16.71
CA PHE D 123 -8.54 -23.48 -16.00
C PHE D 123 -7.08 -23.42 -15.54
N VAL D 124 -6.75 -22.41 -14.73
CA VAL D 124 -5.40 -22.19 -14.23
C VAL D 124 -5.47 -21.85 -12.75
N ILE D 125 -4.55 -22.43 -11.98
CA ILE D 125 -4.46 -22.21 -10.53
C ILE D 125 -2.99 -22.26 -10.11
N ARG D 126 -2.75 -21.87 -8.86
CA ARG D 126 -1.43 -22.04 -8.26
C ARG D 126 -1.06 -23.51 -8.16
N GLY D 127 0.25 -23.77 -8.10
CA GLY D 127 0.71 -25.14 -7.97
C GLY D 127 0.27 -25.82 -6.69
N ASP D 128 0.36 -25.10 -5.56
CA ASP D 128 0.02 -25.70 -4.29
C ASP D 128 -1.49 -25.83 -4.06
N GLU D 129 -2.30 -25.39 -5.02
CA GLU D 129 -3.74 -25.61 -4.97
C GLU D 129 -4.19 -26.72 -5.92
N VAL D 130 -3.25 -27.34 -6.64
CA VAL D 130 -3.59 -28.46 -7.52
C VAL D 130 -4.12 -29.64 -6.70
N ARG D 131 -3.62 -29.81 -5.48
CA ARG D 131 -4.16 -30.84 -4.60
C ARG D 131 -5.65 -30.63 -4.30
N GLN D 132 -6.20 -29.46 -4.64
CA GLN D 132 -7.61 -29.17 -4.41
C GLN D 132 -8.49 -29.58 -5.57
N ILE D 133 -7.92 -29.81 -6.76
CA ILE D 133 -8.71 -30.31 -7.88
C ILE D 133 -8.75 -31.82 -7.79
N ALA D 134 -9.45 -32.32 -6.77
CA ALA D 134 -9.59 -33.74 -6.50
C ALA D 134 -10.82 -33.94 -5.63
N PRO D 135 -11.42 -35.12 -5.65
CA PRO D 135 -12.62 -35.34 -4.83
C PRO D 135 -12.31 -35.32 -3.34
N GLY D 136 -13.28 -34.83 -2.58
CA GLY D 136 -13.18 -34.81 -1.14
C GLY D 136 -12.35 -33.68 -0.55
N GLN D 137 -12.06 -32.64 -1.32
CA GLN D 137 -11.16 -31.60 -0.88
C GLN D 137 -11.91 -30.37 -0.39
N THR D 138 -11.19 -29.56 0.39
CA THR D 138 -11.67 -28.26 0.85
C THR D 138 -10.58 -27.23 0.65
N GLY D 139 -10.96 -25.96 0.69
CA GLY D 139 -10.07 -24.86 0.38
C GLY D 139 -10.70 -23.91 -0.60
N LYS D 140 -10.09 -22.73 -0.71
CA LYS D 140 -10.67 -21.64 -1.49
C LYS D 140 -10.97 -22.06 -2.93
N ILE D 141 -10.14 -22.93 -3.52
CA ILE D 141 -10.37 -23.34 -4.89
C ILE D 141 -11.50 -24.36 -4.97
N ALA D 142 -11.43 -25.40 -4.15
CA ALA D 142 -12.48 -26.41 -4.15
C ALA D 142 -13.81 -25.83 -3.67
N ASP D 143 -13.77 -24.85 -2.77
CA ASP D 143 -14.98 -24.36 -2.13
C ASP D 143 -15.66 -23.25 -2.93
N TYR D 144 -14.91 -22.39 -3.62
CA TYR D 144 -15.51 -21.24 -4.30
C TYR D 144 -15.12 -21.10 -5.75
N ASN D 145 -14.47 -22.10 -6.36
CA ASN D 145 -14.04 -21.92 -7.74
C ASN D 145 -14.34 -23.13 -8.62
N TYR D 146 -13.76 -24.29 -8.30
CA TYR D 146 -14.06 -25.52 -9.03
C TYR D 146 -14.14 -26.66 -8.03
N LYS D 147 -15.26 -27.38 -8.03
CA LYS D 147 -15.50 -28.48 -7.11
C LYS D 147 -15.78 -29.76 -7.89
N LEU D 148 -15.02 -30.81 -7.59
CA LEU D 148 -15.24 -32.13 -8.13
C LEU D 148 -16.20 -32.92 -7.25
N PRO D 149 -17.04 -33.77 -7.83
CA PRO D 149 -17.91 -34.62 -7.03
C PRO D 149 -17.13 -35.74 -6.34
N ASP D 150 -17.57 -36.05 -5.13
CA ASP D 150 -17.26 -37.25 -4.34
C ASP D 150 -17.23 -38.51 -5.18
N ASP D 151 -18.19 -38.65 -6.11
CA ASP D 151 -18.34 -39.83 -6.94
C ASP D 151 -17.67 -39.68 -8.31
N PHE D 152 -16.58 -38.92 -8.37
CA PHE D 152 -15.95 -38.54 -9.63
C PHE D 152 -15.40 -39.77 -10.36
N THR D 153 -15.70 -39.86 -11.65
CA THR D 153 -15.28 -40.99 -12.48
C THR D 153 -14.31 -40.59 -13.58
N GLY D 154 -13.69 -39.41 -13.49
CA GLY D 154 -12.84 -38.90 -14.54
C GLY D 154 -11.39 -38.79 -14.13
N CYS D 155 -10.66 -37.97 -14.90
CA CYS D 155 -9.23 -37.79 -14.71
C CYS D 155 -8.92 -36.30 -14.50
N VAL D 156 -7.86 -36.04 -13.74
CA VAL D 156 -7.35 -34.69 -13.51
C VAL D 156 -5.93 -34.63 -14.08
N ILE D 157 -5.74 -33.85 -15.15
CA ILE D 157 -4.42 -33.59 -15.71
C ILE D 157 -3.99 -32.19 -15.29
N ALA D 158 -2.71 -32.03 -14.96
CA ALA D 158 -2.15 -30.72 -14.64
C ALA D 158 -0.71 -30.63 -15.12
N TRP D 159 -0.30 -29.44 -15.53
CA TRP D 159 1.10 -29.21 -15.88
C TRP D 159 1.51 -27.78 -15.53
N ASN D 160 2.80 -27.62 -15.25
CA ASN D 160 3.37 -26.31 -14.96
C ASN D 160 3.37 -25.44 -16.22
N SER D 161 2.88 -24.21 -16.09
CA SER D 161 2.75 -23.31 -17.23
C SER D 161 3.52 -22.01 -17.02
N ASN D 162 4.57 -22.05 -16.20
CA ASN D 162 5.31 -20.83 -15.85
C ASN D 162 5.88 -20.17 -17.11
N ASN D 163 6.43 -20.99 -18.01
CA ASN D 163 6.94 -20.54 -19.31
C ASN D 163 5.96 -19.65 -20.07
N LEU D 164 4.68 -19.98 -20.02
CA LEU D 164 3.63 -19.30 -20.78
C LEU D 164 2.75 -18.33 -19.99
N ASP D 165 2.48 -18.57 -18.71
CA ASP D 165 1.47 -17.76 -18.06
C ASP D 165 2.01 -16.74 -17.06
N SER D 166 3.31 -16.74 -16.79
CA SER D 166 3.90 -15.75 -15.91
C SER D 166 4.61 -14.67 -16.73
N LYS D 167 4.56 -13.45 -16.23
CA LYS D 167 5.15 -12.29 -16.89
C LYS D 167 6.07 -11.56 -15.93
N VAL D 168 7.17 -11.01 -16.47
CA VAL D 168 8.11 -10.28 -15.63
C VAL D 168 7.38 -9.12 -14.97
N GLY D 169 7.41 -9.11 -13.64
CA GLY D 169 6.69 -8.13 -12.86
C GLY D 169 5.33 -8.59 -12.39
N GLY D 170 4.78 -9.64 -12.99
CA GLY D 170 3.49 -10.14 -12.56
C GLY D 170 2.49 -10.15 -13.70
N ASN D 171 1.93 -11.33 -13.94
CA ASN D 171 0.74 -11.46 -14.77
C ASN D 171 -0.45 -11.53 -13.83
N TYR D 172 -1.21 -10.43 -13.75
CA TYR D 172 -2.39 -10.37 -12.90
C TYR D 172 -3.68 -10.60 -13.68
N ASN D 173 -3.60 -11.34 -14.80
CA ASN D 173 -4.78 -11.64 -15.59
C ASN D 173 -5.61 -12.78 -15.00
N TYR D 174 -4.99 -13.67 -14.24
CA TYR D 174 -5.68 -14.84 -13.72
C TYR D 174 -6.26 -14.56 -12.35
N LEU D 175 -7.52 -14.94 -12.15
CA LEU D 175 -8.29 -14.55 -10.98
C LEU D 175 -8.86 -15.79 -10.29
N TYR D 176 -9.08 -15.66 -8.98
CA TYR D 176 -9.77 -16.68 -8.22
C TYR D 176 -10.75 -15.99 -7.27
N ARG D 177 -11.77 -16.74 -6.85
CA ARG D 177 -12.77 -16.21 -5.94
C ARG D 177 -12.34 -16.48 -4.50
N LEU D 178 -12.33 -15.41 -3.70
CA LEU D 178 -11.89 -15.48 -2.31
C LEU D 178 -13.03 -15.44 -1.31
N PHE D 179 -14.14 -14.79 -1.64
CA PHE D 179 -15.26 -14.64 -0.72
C PHE D 179 -16.52 -15.31 -1.29
N ARG D 180 -17.13 -16.18 -0.50
CA ARG D 180 -18.43 -16.74 -0.84
C ARG D 180 -19.09 -17.21 0.45
N LYS D 181 -20.39 -17.01 0.53
CA LYS D 181 -21.12 -17.35 1.76
C LYS D 181 -21.47 -18.83 1.81
N SER D 182 -21.38 -19.52 0.66
CA SER D 182 -21.78 -20.91 0.50
C SER D 182 -20.78 -21.61 -0.40
N ASN D 183 -20.34 -22.80 0.00
CA ASN D 183 -19.46 -23.59 -0.84
C ASN D 183 -20.18 -23.98 -2.13
N LEU D 184 -19.40 -24.17 -3.20
CA LEU D 184 -19.98 -24.54 -4.48
C LEU D 184 -20.46 -25.98 -4.47
N LYS D 185 -21.60 -26.22 -5.11
CA LYS D 185 -22.00 -27.57 -5.45
C LYS D 185 -21.06 -28.12 -6.51
N PRO D 186 -20.93 -29.45 -6.60
CA PRO D 186 -20.06 -30.03 -7.63
C PRO D 186 -20.40 -29.51 -9.02
N PHE D 187 -19.36 -29.11 -9.75
CA PHE D 187 -19.48 -28.61 -11.13
C PHE D 187 -20.32 -27.34 -11.20
N GLU D 188 -20.16 -26.45 -10.23
CA GLU D 188 -20.82 -25.15 -10.26
C GLU D 188 -19.84 -24.09 -10.75
N ARG D 189 -20.40 -23.02 -11.34
CA ARG D 189 -19.60 -21.95 -11.95
C ARG D 189 -20.23 -20.62 -11.57
N ASP D 190 -19.64 -19.94 -10.60
CA ASP D 190 -20.07 -18.61 -10.17
C ASP D 190 -19.17 -17.58 -10.84
N ILE D 191 -19.75 -16.80 -11.75
CA ILE D 191 -19.01 -15.78 -12.48
C ILE D 191 -19.36 -14.37 -12.00
N SER D 192 -19.99 -14.25 -10.83
CA SER D 192 -20.40 -12.95 -10.32
C SER D 192 -19.20 -12.09 -9.98
N THR D 193 -19.30 -10.79 -10.27
CA THR D 193 -18.37 -9.80 -9.76
C THR D 193 -19.07 -8.80 -8.85
N GLU D 194 -20.19 -9.22 -8.25
CA GLU D 194 -20.94 -8.36 -7.34
C GLU D 194 -20.21 -8.21 -6.02
N ILE D 195 -20.25 -6.99 -5.47
CA ILE D 195 -19.57 -6.71 -4.21
C ILE D 195 -20.10 -7.63 -3.11
N TYR D 196 -19.18 -8.24 -2.37
CA TYR D 196 -19.52 -9.19 -1.33
C TYR D 196 -19.85 -8.45 -0.03
N GLN D 197 -21.05 -8.70 0.49
CA GLN D 197 -21.55 -8.01 1.68
C GLN D 197 -21.14 -8.80 2.93
N ALA D 198 -20.08 -8.36 3.59
CA ALA D 198 -19.60 -9.00 4.80
C ALA D 198 -20.29 -8.49 6.07
N GLY D 199 -21.15 -7.48 5.95
CA GLY D 199 -21.87 -6.96 7.10
C GLY D 199 -23.37 -6.94 6.87
N SER D 200 -24.10 -6.30 7.79
CA SER D 200 -25.56 -6.26 7.67
C SER D 200 -26.01 -5.16 6.70
N THR D 201 -25.19 -4.13 6.51
CA THR D 201 -25.58 -3.01 5.64
C THR D 201 -25.33 -3.37 4.18
N PRO D 202 -26.30 -3.15 3.29
CA PRO D 202 -26.07 -3.42 1.86
C PRO D 202 -24.95 -2.55 1.32
N CYS D 203 -24.25 -3.08 0.32
CA CYS D 203 -23.04 -2.43 -0.17
C CYS D 203 -23.29 -1.39 -1.26
N ASN D 204 -24.34 -1.59 -2.08
CA ASN D 204 -24.72 -0.63 -3.12
C ASN D 204 -23.55 -0.31 -4.05
N GLY D 205 -22.79 -1.34 -4.41
CA GLY D 205 -21.72 -1.21 -5.39
C GLY D 205 -20.44 -0.58 -4.88
N VAL D 206 -20.42 -0.02 -3.68
CA VAL D 206 -19.26 0.68 -3.16
C VAL D 206 -18.34 -0.30 -2.46
N GLU D 207 -17.09 -0.40 -2.94
CA GLU D 207 -16.11 -1.20 -2.22
C GLU D 207 -15.66 -0.49 -0.96
N GLY D 208 -15.32 -1.27 0.05
CA GLY D 208 -14.79 -0.71 1.26
C GLY D 208 -14.94 -1.64 2.45
N PHE D 209 -15.12 -1.03 3.61
CA PHE D 209 -15.27 -1.81 4.84
C PHE D 209 -16.53 -2.66 4.77
N ASN D 210 -16.39 -3.96 5.05
CA ASN D 210 -17.43 -4.97 4.93
C ASN D 210 -17.98 -5.09 3.51
N CYS D 211 -17.30 -4.51 2.53
CA CYS D 211 -17.77 -4.51 1.15
C CYS D 211 -16.57 -4.85 0.27
N TYR D 212 -16.44 -6.13 -0.07
CA TYR D 212 -15.24 -6.64 -0.71
C TYR D 212 -15.51 -7.05 -2.15
N PHE D 213 -14.57 -6.75 -3.04
CA PHE D 213 -14.60 -7.37 -4.35
C PHE D 213 -14.32 -8.85 -4.18
N PRO D 214 -15.18 -9.73 -4.69
CA PRO D 214 -15.08 -11.16 -4.32
C PRO D 214 -13.91 -11.89 -4.97
N LEU D 215 -13.19 -11.29 -5.92
CA LEU D 215 -12.14 -11.96 -6.67
C LEU D 215 -10.79 -11.31 -6.38
N GLN D 216 -9.82 -12.12 -5.91
CA GLN D 216 -8.41 -11.74 -5.94
C GLN D 216 -7.74 -12.18 -7.24
N SER D 217 -6.58 -11.58 -7.48
CA SER D 217 -5.72 -11.90 -8.61
C SER D 217 -4.55 -12.74 -8.16
N TYR D 218 -4.32 -13.85 -8.87
CA TYR D 218 -2.99 -14.47 -8.84
C TYR D 218 -1.98 -13.49 -9.41
N GLY D 219 -0.74 -13.60 -8.96
CA GLY D 219 0.32 -12.74 -9.46
C GLY D 219 1.47 -13.54 -10.02
N PHE D 220 1.29 -14.14 -11.19
CA PHE D 220 2.27 -15.08 -11.72
C PHE D 220 3.46 -14.35 -12.32
N GLN D 221 4.62 -14.51 -11.68
CA GLN D 221 5.98 -14.12 -12.00
C GLN D 221 6.87 -15.32 -12.20
N PRO D 222 7.82 -15.18 -13.12
CA PRO D 222 8.71 -16.30 -13.42
C PRO D 222 9.58 -16.69 -12.25
N THR D 223 9.96 -15.74 -11.41
CA THR D 223 10.74 -16.03 -10.21
C THR D 223 9.90 -16.54 -9.03
N ASN D 224 8.59 -16.70 -9.15
CA ASN D 224 7.84 -17.29 -8.05
C ASN D 224 8.22 -18.75 -7.84
N GLY D 225 8.21 -19.17 -6.58
CA GLY D 225 8.37 -20.58 -6.28
C GLY D 225 7.23 -21.41 -6.82
N VAL D 226 7.48 -22.72 -6.95
CA VAL D 226 6.56 -23.61 -7.64
C VAL D 226 5.16 -23.53 -7.04
N GLY D 227 5.08 -23.38 -5.71
CA GLY D 227 3.77 -23.29 -5.07
C GLY D 227 2.95 -22.14 -5.60
N TYR D 228 3.59 -21.02 -5.91
CA TYR D 228 2.90 -19.83 -6.40
C TYR D 228 3.00 -19.68 -7.92
N GLN D 229 3.52 -20.69 -8.61
CA GLN D 229 3.64 -20.65 -10.07
C GLN D 229 2.35 -21.12 -10.73
N PRO D 230 2.11 -20.73 -11.98
CA PRO D 230 0.87 -21.12 -12.65
C PRO D 230 0.88 -22.58 -13.09
N TYR D 231 -0.26 -23.23 -12.94
CA TYR D 231 -0.46 -24.61 -13.38
C TYR D 231 -1.75 -24.69 -14.18
N ARG D 232 -1.66 -25.23 -15.39
CA ARG D 232 -2.82 -25.44 -16.23
C ARG D 232 -3.43 -26.81 -15.94
N VAL D 233 -4.74 -26.84 -15.79
CA VAL D 233 -5.46 -28.03 -15.34
C VAL D 233 -6.55 -28.36 -16.34
N VAL D 234 -6.63 -29.63 -16.73
CA VAL D 234 -7.72 -30.15 -17.54
C VAL D 234 -8.33 -31.31 -16.77
N VAL D 235 -9.63 -31.21 -16.47
CA VAL D 235 -10.36 -32.26 -15.77
C VAL D 235 -11.29 -32.92 -16.78
N LEU D 236 -11.06 -34.21 -17.03
CA LEU D 236 -11.90 -34.98 -17.93
C LEU D 236 -13.02 -35.64 -17.14
N SER D 237 -14.26 -35.39 -17.54
CA SER D 237 -15.43 -35.99 -16.91
C SER D 237 -16.08 -36.96 -17.89
N PHE D 238 -16.34 -38.17 -17.40
CA PHE D 238 -16.93 -39.24 -18.22
C PHE D 238 -18.33 -39.51 -17.68
N GLU D 239 -19.35 -39.01 -18.36
CA GLU D 239 -20.73 -39.29 -18.00
C GLU D 239 -21.31 -40.29 -18.98
N LEU D 240 -22.06 -41.26 -18.46
CA LEU D 240 -22.71 -42.25 -19.29
C LEU D 240 -24.16 -42.25 -18.87
N LEU D 241 -25.08 -42.17 -19.83
CA LEU D 241 -26.49 -42.02 -19.52
C LEU D 241 -27.30 -43.12 -20.19
N HIS D 242 -28.61 -43.14 -19.92
CA HIS D 242 -29.54 -44.01 -20.64
C HIS D 242 -29.78 -43.41 -22.03
N ALA D 243 -28.71 -43.40 -22.81
CA ALA D 243 -28.68 -42.73 -24.12
C ALA D 243 -27.54 -43.34 -24.93
N PRO D 244 -27.53 -43.13 -26.25
CA PRO D 244 -26.52 -43.81 -27.09
C PRO D 244 -25.11 -43.32 -26.79
N ALA D 245 -24.19 -44.28 -26.64
CA ALA D 245 -22.79 -43.97 -26.40
C ALA D 245 -22.17 -43.36 -27.66
N THR D 246 -21.38 -42.30 -27.48
CA THR D 246 -20.82 -41.58 -28.61
C THR D 246 -19.31 -41.35 -28.54
N VAL D 247 -18.61 -41.87 -27.53
CA VAL D 247 -17.17 -41.71 -27.41
C VAL D 247 -16.57 -43.02 -26.92
N CYS D 248 -15.72 -43.64 -27.73
CA CYS D 248 -15.05 -44.88 -27.37
C CYS D 248 -13.60 -44.79 -27.85
N GLY D 249 -12.94 -45.93 -27.99
CA GLY D 249 -11.52 -45.94 -28.32
C GLY D 249 -11.14 -46.56 -29.65
N ASP E 1 4.26 13.63 -0.28
CA ASP E 1 3.75 13.22 -1.59
C ASP E 1 3.17 11.80 -1.54
N ILE E 2 2.25 11.52 -2.45
CA ILE E 2 1.69 10.18 -2.65
C ILE E 2 2.38 9.59 -3.84
N GLN E 3 2.91 8.41 -3.67
CA GLN E 3 3.78 7.90 -4.69
C GLN E 3 3.06 6.73 -5.36
N MET E 4 3.01 6.74 -6.69
CA MET E 4 2.28 5.75 -7.46
C MET E 4 3.27 4.74 -8.03
N THR E 5 2.97 3.45 -7.86
CA THR E 5 3.85 2.39 -8.33
C THR E 5 3.08 1.53 -9.33
N GLN E 6 3.63 1.39 -10.54
CA GLN E 6 2.96 0.69 -11.63
C GLN E 6 3.59 -0.67 -11.88
N SER E 7 2.87 -1.47 -12.67
CA SER E 7 3.38 -2.74 -13.18
C SER E 7 4.73 -2.51 -13.83
N PRO E 8 5.81 -3.05 -13.25
CA PRO E 8 7.20 -2.71 -13.61
C PRO E 8 7.43 -1.91 -14.89
N SER E 9 7.90 -2.52 -15.98
CA SER E 9 8.33 -1.59 -17.02
C SER E 9 7.87 -2.00 -18.43
N PRO E 10 8.21 -3.20 -18.96
CA PRO E 10 7.52 -3.64 -20.18
C PRO E 10 6.59 -4.82 -19.93
N LEU E 11 5.49 -4.88 -20.67
CA LEU E 11 4.45 -5.87 -20.49
C LEU E 11 3.92 -6.24 -21.87
N SER E 12 3.94 -7.52 -22.22
CA SER E 12 3.63 -7.94 -23.57
C SER E 12 2.54 -9.00 -23.59
N ALA E 13 1.81 -9.04 -24.70
CA ALA E 13 0.71 -9.97 -24.89
C ALA E 13 0.49 -10.14 -26.38
N SER E 14 -0.20 -11.22 -26.74
CA SER E 14 -0.54 -11.49 -28.12
C SER E 14 -1.84 -10.77 -28.49
N VAL E 15 -2.06 -10.58 -29.80
CA VAL E 15 -3.25 -9.90 -30.26
C VAL E 15 -4.48 -10.70 -29.86
N GLY E 16 -5.37 -10.07 -29.10
CA GLY E 16 -6.60 -10.70 -28.65
C GLY E 16 -6.56 -11.18 -27.21
N ASP E 17 -5.40 -11.20 -26.59
CA ASP E 17 -5.27 -11.62 -25.20
C ASP E 17 -5.49 -10.42 -24.27
N ARG E 18 -5.41 -10.70 -22.97
CA ARG E 18 -5.67 -9.73 -21.94
C ARG E 18 -4.36 -9.10 -21.48
N VAL E 19 -4.44 -7.87 -20.98
CA VAL E 19 -3.28 -7.22 -20.37
C VAL E 19 -3.77 -6.55 -19.10
N THR E 20 -3.10 -6.84 -17.97
CA THR E 20 -3.49 -6.26 -16.70
C THR E 20 -2.31 -5.44 -16.15
N ILE E 21 -2.54 -4.14 -16.00
CA ILE E 21 -1.58 -3.22 -15.40
C ILE E 21 -2.08 -2.84 -14.02
N THR E 22 -1.23 -2.99 -13.01
CA THR E 22 -1.60 -2.66 -11.64
C THR E 22 -0.93 -1.35 -11.21
N CYS E 23 -1.65 -0.58 -10.39
CA CYS E 23 -1.17 0.67 -9.84
C CYS E 23 -1.36 0.64 -8.33
N GLN E 24 -0.30 0.93 -7.59
CA GLN E 24 -0.30 0.93 -6.13
C GLN E 24 -0.08 2.34 -5.62
N ALA E 25 -0.89 2.76 -4.65
CA ALA E 25 -0.81 4.10 -4.08
C ALA E 25 -0.21 4.02 -2.67
N SER E 26 0.65 4.99 -2.36
CA SER E 26 1.27 5.04 -1.04
C SER E 26 0.25 5.13 0.08
N GLN E 27 -0.88 5.79 -0.16
CA GLN E 27 -1.89 5.99 0.87
C GLN E 27 -3.24 6.03 0.18
N ASP E 28 -4.29 6.16 0.98
CA ASP E 28 -5.65 6.16 0.43
C ASP E 28 -5.85 7.32 -0.54
N ILE E 29 -6.30 6.99 -1.75
CA ILE E 29 -6.64 8.01 -2.74
C ILE E 29 -8.07 7.80 -3.24
N ARG E 30 -8.82 6.96 -2.54
CA ARG E 30 -10.27 6.77 -2.80
C ARG E 30 -10.41 6.23 -4.23
N ASN E 31 -11.31 6.77 -5.05
CA ASN E 31 -11.43 6.42 -6.46
C ASN E 31 -10.84 7.50 -7.36
N PHE E 32 -10.05 8.41 -6.80
CA PHE E 32 -9.50 9.54 -7.55
C PHE E 32 -8.21 9.10 -8.25
N LEU E 33 -8.39 8.22 -9.23
CA LEU E 33 -7.29 7.72 -10.05
C LEU E 33 -7.64 7.92 -11.52
N ASN E 34 -6.69 8.46 -12.27
CA ASN E 34 -6.79 8.62 -13.71
C ASN E 34 -5.86 7.63 -14.40
N TRP E 35 -6.27 7.15 -15.57
CA TRP E 35 -5.45 6.29 -16.40
C TRP E 35 -5.27 6.95 -17.76
N TYR E 36 -4.01 7.16 -18.16
CA TYR E 36 -3.70 7.76 -19.44
C TYR E 36 -3.04 6.75 -20.36
N GLN E 37 -3.36 6.84 -21.65
CA GLN E 37 -2.66 6.13 -22.71
C GLN E 37 -1.86 7.12 -23.53
N GLN E 38 -0.57 6.86 -23.69
CA GLN E 38 0.31 7.70 -24.50
C GLN E 38 0.92 6.84 -25.61
N LYS E 39 0.42 7.00 -26.83
CA LYS E 39 1.04 6.35 -27.96
C LYS E 39 2.35 7.05 -28.32
N PRO E 40 3.27 6.35 -28.98
CA PRO E 40 4.58 6.94 -29.28
C PRO E 40 4.48 8.25 -30.04
N GLY E 41 5.12 9.28 -29.51
CA GLY E 41 5.22 10.58 -30.17
C GLY E 41 4.06 11.52 -29.96
N LYS E 42 3.01 11.08 -29.26
CA LYS E 42 1.78 11.86 -29.16
C LYS E 42 1.51 12.23 -27.70
N ALA E 43 0.49 13.07 -27.52
CA ALA E 43 0.15 13.54 -26.18
C ALA E 43 -0.59 12.45 -25.41
N PRO E 44 -0.48 12.47 -24.08
CA PRO E 44 -1.27 11.54 -23.27
C PRO E 44 -2.76 11.74 -23.45
N LYS E 45 -3.49 10.63 -23.44
CA LYS E 45 -4.93 10.59 -23.65
C LYS E 45 -5.57 9.95 -22.43
N LEU E 46 -6.55 10.63 -21.84
CA LEU E 46 -7.26 10.11 -20.67
C LEU E 46 -8.21 9.02 -21.11
N LEU E 47 -8.02 7.79 -20.61
CA LEU E 47 -8.88 6.67 -20.96
C LEU E 47 -9.92 6.38 -19.88
N ILE E 48 -9.51 6.19 -18.63
CA ILE E 48 -10.42 6.03 -17.51
C ILE E 48 -10.26 7.19 -16.54
N HIS E 49 -11.39 7.70 -16.06
CA HIS E 49 -11.45 8.70 -15.02
C HIS E 49 -12.22 8.12 -13.83
N ASP E 50 -11.84 8.53 -12.63
CA ASP E 50 -12.47 8.05 -11.39
C ASP E 50 -12.38 6.53 -11.27
N ALA E 51 -11.20 5.99 -11.58
CA ALA E 51 -10.84 4.58 -11.37
C ALA E 51 -11.53 3.61 -12.33
N SER E 52 -12.79 3.86 -12.68
CA SER E 52 -13.54 2.91 -13.50
C SER E 52 -14.35 3.55 -14.63
N LYS E 53 -14.52 4.86 -14.67
CA LYS E 53 -15.47 5.50 -15.58
C LYS E 53 -14.76 5.83 -16.89
N LEU E 54 -15.19 5.16 -17.95
CA LEU E 54 -14.53 5.19 -19.24
C LEU E 54 -14.89 6.48 -19.98
N GLU E 55 -13.88 7.24 -20.40
CA GLU E 55 -14.12 8.50 -21.08
C GLU E 55 -14.83 8.27 -22.42
N ALA E 56 -15.36 9.36 -22.98
CA ALA E 56 -16.17 9.25 -24.19
C ALA E 56 -15.31 8.91 -25.39
N GLY E 57 -15.82 8.02 -26.24
CA GLY E 57 -15.11 7.57 -27.43
C GLY E 57 -14.07 6.49 -27.18
N VAL E 58 -13.95 6.01 -25.95
CA VAL E 58 -12.93 5.03 -25.60
C VAL E 58 -13.47 3.64 -25.83
N PRO E 59 -12.75 2.78 -26.58
CA PRO E 59 -13.26 1.43 -26.90
C PRO E 59 -13.62 0.61 -25.66
N SER E 60 -14.47 -0.41 -25.86
CA SER E 60 -15.01 -1.18 -24.75
C SER E 60 -13.97 -2.07 -24.09
N ARG E 61 -12.90 -2.42 -24.81
CA ARG E 61 -11.92 -3.35 -24.27
C ARG E 61 -11.15 -2.77 -23.09
N PHE E 62 -11.13 -1.45 -22.95
CA PHE E 62 -10.48 -0.81 -21.81
C PHE E 62 -11.45 -0.73 -20.63
N SER E 63 -10.90 -0.92 -19.43
CA SER E 63 -11.69 -1.02 -18.22
C SER E 63 -10.79 -0.73 -17.03
N GLY E 64 -11.41 -0.33 -15.93
CA GLY E 64 -10.65 0.06 -14.75
C GLY E 64 -11.27 -0.39 -13.45
N SER E 65 -10.43 -0.89 -12.54
CA SER E 65 -10.91 -1.42 -11.28
C SER E 65 -10.03 -0.92 -10.14
N GLY E 66 -10.59 -0.95 -8.93
CA GLY E 66 -9.81 -0.62 -7.75
C GLY E 66 -10.36 0.53 -6.93
N SER E 67 -10.05 0.53 -5.64
CA SER E 67 -10.45 1.59 -4.73
C SER E 67 -9.53 1.56 -3.52
N GLY E 68 -9.19 2.73 -3.00
CA GLY E 68 -8.27 2.80 -1.89
C GLY E 68 -6.84 3.00 -2.32
N THR E 69 -6.09 1.90 -2.45
CA THR E 69 -4.68 1.97 -2.81
C THR E 69 -4.28 1.06 -3.96
N ASP E 70 -5.04 0.02 -4.27
CA ASP E 70 -4.69 -0.93 -5.33
C ASP E 70 -5.68 -0.80 -6.48
N PHE E 71 -5.17 -0.59 -7.68
CA PHE E 71 -5.99 -0.43 -8.87
C PHE E 71 -5.42 -1.28 -10.00
N THR E 72 -6.28 -1.64 -10.95
CA THR E 72 -5.85 -2.34 -12.15
C THR E 72 -6.47 -1.69 -13.39
N PHE E 73 -5.77 -1.84 -14.50
CA PHE E 73 -6.21 -1.38 -15.81
C PHE E 73 -6.11 -2.57 -16.76
N THR E 74 -7.17 -2.83 -17.51
CA THR E 74 -7.27 -4.06 -18.30
C THR E 74 -7.69 -3.76 -19.72
N ILE E 75 -7.01 -4.40 -20.67
CA ILE E 75 -7.44 -4.45 -22.06
C ILE E 75 -7.93 -5.87 -22.32
N SER E 76 -9.23 -6.02 -22.60
CA SER E 76 -9.81 -7.36 -22.68
C SER E 76 -9.31 -8.11 -23.90
N SER E 77 -9.04 -7.43 -25.01
CA SER E 77 -8.45 -8.06 -26.19
C SER E 77 -7.51 -7.05 -26.84
N LEU E 78 -6.21 -7.24 -26.62
CA LEU E 78 -5.21 -6.31 -27.11
C LEU E 78 -5.25 -6.21 -28.63
N GLN E 79 -5.17 -4.97 -29.14
CA GLN E 79 -5.10 -4.70 -30.56
C GLN E 79 -3.75 -4.08 -30.92
N PRO E 80 -3.25 -4.30 -32.14
CA PRO E 80 -1.91 -3.80 -32.47
C PRO E 80 -1.76 -2.30 -32.30
N GLU E 81 -2.85 -1.55 -32.37
CA GLU E 81 -2.83 -0.11 -32.16
C GLU E 81 -2.84 0.28 -30.68
N ASP E 82 -2.87 -0.68 -29.76
CA ASP E 82 -2.86 -0.37 -28.34
C ASP E 82 -1.45 -0.35 -27.77
N ILE E 83 -0.45 -0.55 -28.62
CA ILE E 83 0.94 -0.26 -28.28
C ILE E 83 1.04 1.18 -27.80
N ALA E 84 1.46 1.34 -26.54
CA ALA E 84 1.53 2.65 -25.88
C ALA E 84 2.17 2.47 -24.52
N THR E 85 2.39 3.61 -23.85
CA THR E 85 2.80 3.64 -22.45
C THR E 85 1.64 4.17 -21.62
N TYR E 86 1.20 3.37 -20.65
CA TYR E 86 0.01 3.67 -19.86
C TYR E 86 0.41 4.18 -18.49
N TYR E 87 -0.22 5.28 -18.06
CA TYR E 87 0.10 5.93 -16.79
C TYR E 87 -1.15 5.99 -15.91
N CYS E 88 -0.97 5.70 -14.63
CA CYS E 88 -1.96 6.03 -13.61
C CYS E 88 -1.54 7.31 -12.90
N GLN E 89 -2.53 8.05 -12.40
CA GLN E 89 -2.29 9.36 -11.81
C GLN E 89 -3.39 9.65 -10.80
N GLN E 90 -2.99 10.06 -9.61
CA GLN E 90 -3.90 10.52 -8.58
C GLN E 90 -4.01 12.03 -8.67
N TYR E 91 -5.25 12.54 -8.67
CA TYR E 91 -5.49 13.94 -8.95
C TYR E 91 -6.13 14.73 -7.84
N ASP E 92 -6.62 14.09 -6.77
CA ASP E 92 -7.36 14.84 -5.78
C ASP E 92 -6.51 15.34 -4.62
N ASN E 93 -5.35 14.74 -4.37
CA ASN E 93 -4.43 15.25 -3.38
C ASN E 93 -3.26 15.92 -4.09
N LEU E 94 -2.78 17.02 -3.51
CA LEU E 94 -1.80 17.83 -4.21
C LEU E 94 -0.47 17.08 -4.20
N PRO E 95 0.67 17.74 -4.44
CA PRO E 95 1.65 17.15 -5.37
C PRO E 95 1.00 16.11 -6.27
N LEU E 96 0.27 16.54 -7.30
CA LEU E 96 -0.33 15.59 -8.24
C LEU E 96 0.75 14.70 -8.81
N THR E 97 0.56 13.39 -8.68
CA THR E 97 1.62 12.44 -8.97
C THR E 97 1.16 11.38 -9.95
N PHE E 98 2.05 11.00 -10.86
CA PHE E 98 1.81 9.98 -11.86
C PHE E 98 2.60 8.72 -11.50
N GLY E 99 2.15 7.60 -12.04
CA GLY E 99 2.99 6.42 -12.04
C GLY E 99 4.16 6.60 -12.98
N GLY E 100 5.14 5.70 -12.85
CA GLY E 100 6.31 5.77 -13.72
C GLY E 100 6.01 5.43 -15.16
N GLY E 101 4.93 4.71 -15.41
CA GLY E 101 4.58 4.29 -16.75
C GLY E 101 4.78 2.80 -16.94
N THR E 102 3.94 2.21 -17.78
CA THR E 102 4.05 0.81 -18.17
C THR E 102 3.88 0.72 -19.67
N LYS E 103 4.94 0.31 -20.36
CA LYS E 103 4.90 0.11 -21.80
C LYS E 103 4.25 -1.23 -22.10
N VAL E 104 3.30 -1.24 -23.04
CA VAL E 104 2.61 -2.46 -23.45
C VAL E 104 3.04 -2.79 -24.88
N GLU E 105 3.38 -4.06 -25.11
CA GLU E 105 3.93 -4.52 -26.39
C GLU E 105 3.15 -5.72 -26.92
N ILE E 106 3.03 -5.79 -28.24
CA ILE E 106 2.47 -6.96 -28.93
C ILE E 106 3.48 -8.10 -28.98
N LYS E 107 3.02 -9.30 -28.63
CA LYS E 107 3.70 -10.52 -29.02
C LYS E 107 3.18 -10.98 -30.38
N ARG E 108 4.09 -11.51 -31.18
CA ARG E 108 3.87 -11.69 -32.61
C ARG E 108 4.73 -12.87 -33.04
N THR E 109 4.37 -13.48 -34.17
CA THR E 109 5.21 -14.54 -34.69
C THR E 109 6.58 -13.99 -35.05
N VAL E 110 7.57 -14.88 -35.11
CA VAL E 110 8.93 -14.46 -35.44
C VAL E 110 8.98 -13.93 -36.87
N ALA E 111 9.73 -12.86 -37.07
CA ALA E 111 9.93 -12.27 -38.39
C ALA E 111 11.39 -11.90 -38.55
N ALA E 112 12.07 -12.55 -39.48
CA ALA E 112 13.49 -12.31 -39.67
C ALA E 112 13.73 -10.91 -40.26
N PRO E 113 14.84 -10.28 -39.89
CA PRO E 113 15.11 -8.93 -40.39
C PRO E 113 15.66 -8.95 -41.82
N SER E 114 15.27 -7.93 -42.58
CA SER E 114 15.91 -7.63 -43.84
C SER E 114 17.09 -6.71 -43.55
N VAL E 115 18.26 -7.06 -44.08
CA VAL E 115 19.50 -6.35 -43.76
C VAL E 115 19.99 -5.58 -44.99
N PHE E 116 20.43 -4.35 -44.75
CA PHE E 116 20.99 -3.49 -45.78
C PHE E 116 22.17 -2.75 -45.20
N ILE E 117 23.22 -2.59 -46.00
CA ILE E 117 24.38 -1.80 -45.62
C ILE E 117 24.49 -0.61 -46.57
N PHE E 118 24.88 0.54 -46.03
CA PHE E 118 25.00 1.77 -46.81
C PHE E 118 26.42 2.32 -46.67
N PRO E 119 27.18 2.39 -47.75
CA PRO E 119 28.54 2.95 -47.68
C PRO E 119 28.50 4.45 -47.49
N PRO E 120 29.61 5.06 -47.08
CA PRO E 120 29.61 6.50 -46.84
C PRO E 120 29.36 7.28 -48.12
N SER E 121 28.80 8.48 -47.96
CA SER E 121 28.60 9.38 -49.07
C SER E 121 29.83 10.26 -49.28
N ASP E 122 30.04 10.67 -50.53
CA ASP E 122 31.18 11.54 -50.84
C ASP E 122 30.99 12.93 -50.25
N GLU E 123 29.74 13.35 -50.02
CA GLU E 123 29.50 14.64 -49.39
C GLU E 123 30.00 14.66 -47.96
N GLN E 124 29.94 13.52 -47.25
CA GLN E 124 30.46 13.47 -45.89
C GLN E 124 31.98 13.40 -45.86
N LEU E 125 32.57 12.66 -46.80
CA LEU E 125 34.01 12.42 -46.77
C LEU E 125 34.81 13.70 -46.96
N LYS E 126 34.22 14.73 -47.58
CA LYS E 126 34.83 16.05 -47.60
C LYS E 126 35.14 16.53 -46.18
N SER E 127 34.17 16.37 -45.28
CA SER E 127 34.33 16.86 -43.91
C SER E 127 35.46 16.16 -43.17
N GLY E 128 35.84 14.95 -43.60
CA GLY E 128 36.87 14.18 -42.93
C GLY E 128 36.37 13.01 -42.12
N THR E 129 35.07 12.71 -42.18
CA THR E 129 34.47 11.65 -41.40
C THR E 129 33.72 10.71 -42.32
N ALA E 130 33.63 9.45 -41.92
CA ALA E 130 32.96 8.41 -42.71
C ALA E 130 31.96 7.67 -41.83
N SER E 131 30.71 7.64 -42.27
CA SER E 131 29.64 6.95 -41.55
C SER E 131 29.14 5.79 -42.40
N VAL E 132 29.26 4.58 -41.86
CA VAL E 132 28.68 3.38 -42.47
C VAL E 132 27.43 3.02 -41.67
N VAL E 133 26.32 2.83 -42.37
CA VAL E 133 25.03 2.61 -41.72
C VAL E 133 24.51 1.22 -42.11
N CYS E 134 23.98 0.51 -41.12
CA CYS E 134 23.33 -0.77 -41.32
C CYS E 134 21.86 -0.66 -40.95
N LEU E 135 21.00 -1.28 -41.74
CA LEU E 135 19.56 -1.27 -41.50
C LEU E 135 19.07 -2.69 -41.28
N LEU E 136 18.27 -2.88 -40.23
CA LEU E 136 17.55 -4.12 -39.97
C LEU E 136 16.07 -3.79 -39.99
N ASN E 137 15.34 -4.34 -40.95
CA ASN E 137 14.01 -3.86 -41.29
C ASN E 137 12.94 -4.90 -40.98
N ASN E 138 11.96 -4.51 -40.16
CA ASN E 138 10.72 -5.26 -39.94
C ASN E 138 10.99 -6.65 -39.35
N PHE E 139 11.50 -6.65 -38.12
CA PHE E 139 11.82 -7.89 -37.44
C PHE E 139 11.20 -7.94 -36.06
N TYR E 140 10.87 -9.16 -35.63
CA TYR E 140 10.40 -9.47 -34.29
C TYR E 140 10.99 -10.82 -33.92
N PRO E 141 11.45 -11.00 -32.67
CA PRO E 141 11.44 -10.05 -31.55
C PRO E 141 12.52 -8.98 -31.63
N ARG E 142 12.42 -8.01 -30.72
CA ARG E 142 13.28 -6.83 -30.74
C ARG E 142 14.75 -7.20 -30.59
N GLU E 143 15.06 -8.29 -29.90
CA GLU E 143 16.44 -8.63 -29.58
C GLU E 143 17.18 -9.05 -30.85
N ALA E 144 18.23 -8.31 -31.17
CA ALA E 144 19.01 -8.54 -32.39
C ALA E 144 20.42 -8.06 -32.14
N LYS E 145 21.41 -8.79 -32.68
CA LYS E 145 22.80 -8.39 -32.54
C LYS E 145 23.36 -7.93 -33.88
N VAL E 146 23.90 -6.72 -33.89
CA VAL E 146 24.64 -6.17 -35.01
C VAL E 146 26.11 -6.15 -34.62
N GLN E 147 26.94 -6.84 -35.42
CA GLN E 147 28.39 -6.87 -35.20
C GLN E 147 29.07 -6.25 -36.42
N TRP E 148 29.71 -5.10 -36.21
CA TRP E 148 30.50 -4.48 -37.26
C TRP E 148 31.84 -5.17 -37.38
N LYS E 149 32.26 -5.43 -38.62
CA LYS E 149 33.53 -6.07 -38.90
C LYS E 149 34.23 -5.31 -40.02
N VAL E 150 35.46 -4.89 -39.75
CA VAL E 150 36.28 -4.18 -40.73
C VAL E 150 37.51 -5.04 -40.97
N ASP E 151 37.57 -5.68 -42.14
CA ASP E 151 38.61 -6.66 -42.45
C ASP E 151 38.59 -7.82 -41.45
N ASN E 152 37.38 -8.35 -41.19
CA ASN E 152 37.13 -9.33 -40.12
C ASN E 152 37.70 -8.92 -38.77
N ALA E 153 37.85 -7.63 -38.51
CA ALA E 153 38.20 -7.15 -37.17
C ALA E 153 36.91 -6.68 -36.50
N LEU E 154 36.50 -7.38 -35.45
CA LEU E 154 35.31 -7.01 -34.71
C LEU E 154 35.50 -5.64 -34.07
N GLN E 155 34.58 -4.72 -34.36
CA GLN E 155 34.72 -3.32 -33.99
C GLN E 155 33.81 -2.97 -32.82
N SER E 156 34.41 -2.40 -31.77
CA SER E 156 33.67 -1.92 -30.61
C SER E 156 34.03 -0.47 -30.34
N GLY E 157 33.04 0.28 -29.80
CA GLY E 157 33.28 1.62 -29.33
C GLY E 157 33.10 2.72 -30.35
N ASN E 158 32.90 2.39 -31.63
CA ASN E 158 32.76 3.40 -32.68
C ASN E 158 31.41 3.34 -33.35
N SER E 159 30.39 2.81 -32.67
CA SER E 159 29.09 2.60 -33.28
C SER E 159 27.98 2.90 -32.28
N GLN E 160 26.86 3.40 -32.81
CA GLN E 160 25.64 3.65 -32.05
C GLN E 160 24.46 3.04 -32.81
N GLU E 161 23.46 2.59 -32.07
CA GLU E 161 22.27 2.03 -32.69
C GLU E 161 21.04 2.83 -32.29
N SER E 162 19.91 2.44 -32.89
CA SER E 162 18.61 3.04 -32.62
C SER E 162 17.54 2.09 -33.12
N VAL E 163 16.54 1.83 -32.30
CA VAL E 163 15.43 0.95 -32.64
C VAL E 163 14.16 1.79 -32.72
N THR E 164 13.34 1.52 -33.73
CA THR E 164 12.06 2.21 -33.83
C THR E 164 11.12 1.69 -32.75
N GLU E 165 9.98 2.36 -32.63
CA GLU E 165 8.90 1.84 -31.81
C GLU E 165 8.13 0.80 -32.61
N GLN E 166 7.54 -0.16 -31.89
CA GLN E 166 6.76 -1.21 -32.53
C GLN E 166 5.68 -0.60 -33.42
N ASP E 167 5.59 -1.11 -34.64
CA ASP E 167 4.64 -0.53 -35.59
C ASP E 167 3.21 -0.87 -35.20
N SER E 168 2.32 0.10 -35.39
CA SER E 168 0.92 -0.06 -35.03
C SER E 168 0.21 -1.12 -35.85
N LYS E 169 0.81 -1.57 -36.95
CA LYS E 169 0.13 -2.49 -37.88
C LYS E 169 0.76 -3.88 -37.89
N ASP E 170 2.05 -4.00 -38.24
CA ASP E 170 2.68 -5.31 -38.31
C ASP E 170 3.41 -5.71 -37.03
N SER E 171 3.44 -4.83 -36.03
CA SER E 171 4.03 -5.14 -34.72
C SER E 171 5.49 -5.56 -34.84
N THR E 172 6.24 -4.87 -35.68
CA THR E 172 7.65 -5.17 -35.88
C THR E 172 8.51 -4.05 -35.32
N TYR E 173 9.81 -4.29 -35.32
CA TYR E 173 10.80 -3.27 -35.02
C TYR E 173 11.72 -3.11 -36.23
N SER E 174 12.41 -1.97 -36.27
CA SER E 174 13.49 -1.75 -37.21
C SER E 174 14.66 -1.11 -36.47
N LEU E 175 15.87 -1.46 -36.89
CA LEU E 175 17.08 -1.04 -36.19
C LEU E 175 18.06 -0.39 -37.15
N SER E 176 18.74 0.65 -36.68
CA SER E 176 19.76 1.36 -37.43
C SER E 176 21.04 1.37 -36.61
N SER E 177 22.11 0.81 -37.16
CA SER E 177 23.43 0.88 -36.56
C SER E 177 24.33 1.74 -37.43
N THR E 178 25.01 2.70 -36.81
CA THR E 178 25.90 3.62 -37.51
C THR E 178 27.32 3.46 -37.00
N LEU E 179 28.25 3.18 -37.92
CA LEU E 179 29.67 3.06 -37.61
C LEU E 179 30.36 4.34 -38.10
N THR E 180 30.89 5.11 -37.17
CA THR E 180 31.50 6.41 -37.47
C THR E 180 33.02 6.29 -37.38
N LEU E 181 33.70 6.63 -38.47
CA LEU E 181 35.14 6.52 -38.60
C LEU E 181 35.69 7.80 -39.22
N SER E 182 36.96 8.07 -38.96
CA SER E 182 37.63 9.16 -39.64
C SER E 182 38.00 8.74 -41.05
N LYS E 183 38.04 9.73 -41.97
CA LYS E 183 38.42 9.43 -43.35
C LYS E 183 39.80 8.77 -43.41
N ALA E 184 40.68 9.08 -42.45
CA ALA E 184 41.98 8.43 -42.41
C ALA E 184 41.84 6.93 -42.18
N ASP E 185 41.11 6.54 -41.13
CA ASP E 185 40.93 5.11 -40.86
C ASP E 185 40.06 4.45 -41.93
N TYR E 186 39.10 5.18 -42.50
CA TYR E 186 38.20 4.56 -43.47
C TYR E 186 38.96 4.09 -44.70
N GLU E 187 40.03 4.79 -45.07
CA GLU E 187 40.82 4.41 -46.23
C GLU E 187 41.91 3.40 -45.92
N LYS E 188 42.06 3.03 -44.65
CA LYS E 188 43.01 1.99 -44.23
C LYS E 188 42.46 0.58 -44.40
N HIS E 189 41.20 0.41 -44.79
CA HIS E 189 40.59 -0.90 -44.84
C HIS E 189 39.67 -1.02 -46.05
N LYS E 190 39.50 -2.25 -46.51
CA LYS E 190 38.71 -2.53 -47.71
C LYS E 190 37.31 -3.00 -47.38
N VAL E 191 37.19 -4.12 -46.66
CA VAL E 191 35.90 -4.78 -46.46
C VAL E 191 35.24 -4.25 -45.19
N TYR E 192 34.06 -3.67 -45.35
CA TYR E 192 33.22 -3.23 -44.25
C TYR E 192 31.96 -4.08 -44.24
N ALA E 193 31.76 -4.83 -43.15
CA ALA E 193 30.68 -5.80 -43.08
C ALA E 193 29.78 -5.52 -41.87
N CYS E 194 28.51 -5.85 -42.04
CA CYS E 194 27.51 -5.79 -40.98
C CYS E 194 26.96 -7.20 -40.81
N GLU E 195 27.30 -7.85 -39.69
CA GLU E 195 26.84 -9.19 -39.40
C GLU E 195 25.69 -9.12 -38.39
N VAL E 196 24.59 -9.79 -38.72
CA VAL E 196 23.35 -9.70 -37.95
C VAL E 196 22.98 -11.08 -37.43
N THR E 197 22.61 -11.16 -36.16
CA THR E 197 22.14 -12.38 -35.51
C THR E 197 20.75 -12.15 -34.95
N HIS E 198 19.82 -13.04 -35.30
CA HIS E 198 18.43 -12.87 -34.88
C HIS E 198 17.74 -14.22 -34.89
N GLN E 199 16.70 -14.34 -34.04
CA GLN E 199 16.00 -15.61 -33.88
C GLN E 199 15.42 -16.10 -35.20
N GLY E 200 14.90 -15.19 -36.01
CA GLY E 200 14.33 -15.56 -37.31
C GLY E 200 15.35 -16.03 -38.32
N LEU E 201 16.64 -15.82 -38.07
CA LEU E 201 17.69 -16.25 -38.97
C LEU E 201 18.34 -17.53 -38.42
N SER E 202 18.45 -18.54 -39.29
CA SER E 202 19.06 -19.80 -38.88
C SER E 202 20.55 -19.64 -38.63
N SER E 203 21.23 -18.91 -39.50
CA SER E 203 22.63 -18.55 -39.39
C SER E 203 22.74 -17.03 -39.40
N PRO E 204 23.87 -16.47 -38.95
CA PRO E 204 24.04 -15.02 -39.05
C PRO E 204 24.13 -14.56 -40.50
N VAL E 205 23.50 -13.42 -40.77
CA VAL E 205 23.49 -12.82 -42.10
C VAL E 205 24.48 -11.64 -42.13
N THR E 206 25.32 -11.63 -43.15
CA THR E 206 26.35 -10.60 -43.31
C THR E 206 26.15 -9.87 -44.63
N LYS E 207 26.20 -8.54 -44.57
CA LYS E 207 26.09 -7.68 -45.74
C LYS E 207 27.31 -6.78 -45.78
N SER E 208 28.02 -6.79 -46.91
CA SER E 208 29.34 -6.16 -46.97
C SER E 208 29.53 -5.38 -48.26
N PHE E 209 30.34 -4.34 -48.19
CA PHE E 209 30.85 -3.64 -49.36
C PHE E 209 32.35 -3.47 -49.23
N ASN E 210 33.04 -3.47 -50.36
CA ASN E 210 34.46 -3.20 -50.43
C ASN E 210 34.65 -1.73 -50.81
N ARG E 211 35.51 -1.03 -50.06
CA ARG E 211 35.61 0.42 -50.22
C ARG E 211 36.03 0.79 -51.64
N GLY E 212 35.26 1.68 -52.25
CA GLY E 212 35.57 2.24 -53.56
C GLY E 212 35.49 1.24 -54.70
N GLU E 213 34.42 0.45 -54.72
CA GLU E 213 34.22 -0.60 -55.73
C GLU E 213 32.75 -0.80 -56.05
N ASP F 1 4.93 -25.44 8.45
CA ASP F 1 5.49 -25.93 7.20
C ASP F 1 6.24 -24.83 6.44
N ILE F 2 5.79 -23.58 6.59
CA ILE F 2 6.53 -22.42 6.12
C ILE F 2 7.10 -21.74 7.36
N GLN F 3 8.39 -21.92 7.59
CA GLN F 3 9.05 -21.36 8.77
C GLN F 3 9.31 -19.88 8.58
N MET F 4 8.94 -19.08 9.57
CA MET F 4 9.25 -17.67 9.60
C MET F 4 10.39 -17.41 10.58
N THR F 5 11.35 -16.60 10.17
CA THR F 5 12.55 -16.34 10.97
C THR F 5 12.81 -14.84 11.02
N GLN F 6 12.93 -14.30 12.22
CA GLN F 6 13.17 -12.88 12.43
C GLN F 6 14.54 -12.63 13.00
N SER F 7 14.91 -11.34 13.04
CA SER F 7 16.08 -10.81 13.70
C SER F 7 16.10 -11.23 15.18
N PRO F 8 17.28 -11.33 15.78
CA PRO F 8 17.35 -11.83 17.17
C PRO F 8 16.63 -10.94 18.17
N SER F 9 16.03 -11.58 19.18
CA SER F 9 14.94 -10.95 19.92
C SER F 9 15.31 -9.71 20.73
N PRO F 10 16.52 -9.54 21.26
CA PRO F 10 16.85 -8.24 21.89
C PRO F 10 17.52 -7.28 20.93
N LEU F 11 16.83 -6.17 20.61
CA LEU F 11 17.31 -5.21 19.63
C LEU F 11 17.18 -3.82 20.22
N SER F 12 18.31 -3.16 20.46
CA SER F 12 18.35 -1.88 21.14
C SER F 12 18.78 -0.77 20.20
N ALA F 13 18.17 0.41 20.36
CA ALA F 13 18.51 1.59 19.59
C ALA F 13 18.18 2.82 20.40
N SER F 14 18.65 3.98 19.94
CA SER F 14 18.43 5.25 20.62
C SER F 14 17.28 6.01 19.98
N VAL F 15 16.62 6.84 20.79
CA VAL F 15 15.46 7.60 20.32
C VAL F 15 15.85 8.42 19.11
N GLY F 16 15.14 8.23 18.01
CA GLY F 16 15.43 8.91 16.77
C GLY F 16 16.26 8.14 15.77
N ASP F 17 16.53 6.88 16.02
CA ASP F 17 17.34 6.05 15.15
C ASP F 17 16.46 5.20 14.24
N ARG F 18 17.01 4.80 13.09
CA ARG F 18 16.38 3.74 12.33
C ARG F 18 16.58 2.42 13.05
N VAL F 19 15.50 1.66 13.18
CA VAL F 19 15.54 0.26 13.53
C VAL F 19 14.89 -0.51 12.38
N THR F 20 15.58 -1.55 11.92
CA THR F 20 15.12 -2.40 10.84
C THR F 20 15.09 -3.84 11.34
N ILE F 21 13.93 -4.46 11.29
CA ILE F 21 13.79 -5.88 11.63
C ILE F 21 13.60 -6.64 10.33
N THR F 22 14.18 -7.83 10.26
CA THR F 22 14.12 -8.66 9.06
C THR F 22 13.29 -9.91 9.34
N CYS F 23 12.57 -10.36 8.33
CA CYS F 23 11.81 -11.59 8.37
C CYS F 23 12.17 -12.40 7.13
N GLN F 24 12.47 -13.67 7.33
CA GLN F 24 12.76 -14.59 6.24
C GLN F 24 11.70 -15.70 6.23
N ALA F 25 11.23 -16.04 5.05
CA ALA F 25 10.32 -17.15 4.86
C ALA F 25 11.06 -18.31 4.21
N SER F 26 10.79 -19.53 4.67
CA SER F 26 11.42 -20.69 4.09
C SER F 26 10.98 -20.94 2.65
N GLN F 27 9.84 -20.37 2.24
CA GLN F 27 9.31 -20.54 0.90
C GLN F 27 8.82 -19.20 0.38
N ASP F 28 8.49 -19.18 -0.91
CA ASP F 28 7.86 -18.01 -1.50
C ASP F 28 6.50 -17.77 -0.86
N ILE F 29 6.28 -16.55 -0.40
CA ILE F 29 5.00 -16.16 0.15
C ILE F 29 4.58 -14.83 -0.46
N ARG F 30 5.21 -14.48 -1.58
CA ARG F 30 4.85 -13.33 -2.41
C ARG F 30 4.88 -12.08 -1.51
N ASN F 31 3.82 -11.29 -1.45
CA ASN F 31 3.75 -10.18 -0.51
C ASN F 31 2.74 -10.44 0.61
N PHE F 32 2.37 -11.71 0.82
CA PHE F 32 1.41 -12.09 1.85
C PHE F 32 2.09 -12.22 3.22
N LEU F 33 2.60 -11.09 3.71
CA LEU F 33 3.26 -11.01 5.01
C LEU F 33 2.53 -9.97 5.85
N ASN F 34 2.38 -10.23 7.14
CA ASN F 34 1.85 -9.23 8.06
C ASN F 34 2.91 -8.86 9.08
N TRP F 35 2.74 -7.68 9.69
CA TRP F 35 3.63 -7.21 10.75
C TRP F 35 2.78 -6.74 11.92
N TYR F 36 2.95 -7.38 13.07
CA TYR F 36 2.20 -7.03 14.27
C TYR F 36 3.11 -6.40 15.31
N GLN F 37 2.54 -5.45 16.05
CA GLN F 37 3.20 -4.82 17.20
C GLN F 37 2.43 -5.20 18.45
N GLN F 38 3.14 -5.75 19.44
CA GLN F 38 2.55 -6.10 20.72
C GLN F 38 3.29 -5.36 21.83
N LYS F 39 2.68 -4.30 22.34
CA LYS F 39 3.23 -3.58 23.46
C LYS F 39 3.08 -4.42 24.73
N PRO F 40 3.82 -4.08 25.79
CA PRO F 40 3.75 -4.88 27.03
C PRO F 40 2.35 -4.99 27.58
N GLY F 41 1.87 -6.23 27.72
CA GLY F 41 0.58 -6.48 28.35
C GLY F 41 -0.62 -6.00 27.57
N LYS F 42 -0.49 -5.86 26.25
CA LYS F 42 -1.59 -5.46 25.40
C LYS F 42 -1.76 -6.51 24.30
N ALA F 43 -2.83 -6.37 23.53
CA ALA F 43 -3.11 -7.29 22.45
C ALA F 43 -2.23 -6.98 21.25
N PRO F 44 -2.00 -7.96 20.37
CA PRO F 44 -1.21 -7.69 19.15
C PRO F 44 -1.98 -6.78 18.20
N LYS F 45 -1.35 -5.68 17.80
CA LYS F 45 -1.90 -4.74 16.86
C LYS F 45 -1.26 -4.93 15.49
N LEU F 46 -2.07 -4.94 14.44
CA LEU F 46 -1.57 -5.06 13.08
C LEU F 46 -1.10 -3.70 12.59
N LEU F 47 0.18 -3.60 12.20
CA LEU F 47 0.74 -2.37 11.67
C LEU F 47 0.86 -2.38 10.15
N ILE F 48 1.34 -3.47 9.56
CA ILE F 48 1.60 -3.55 8.13
C ILE F 48 0.86 -4.76 7.56
N HIS F 49 0.20 -4.57 6.43
CA HIS F 49 -0.52 -5.62 5.73
C HIS F 49 -0.01 -5.69 4.28
N ASP F 50 -0.16 -6.88 3.68
CA ASP F 50 0.58 -7.32 2.49
C ASP F 50 1.96 -6.67 2.38
N ALA F 51 2.77 -6.78 3.43
CA ALA F 51 4.20 -6.44 3.41
C ALA F 51 4.46 -4.94 3.40
N SER F 52 3.57 -4.12 2.87
CA SER F 52 3.87 -2.70 2.76
C SER F 52 2.69 -1.77 2.97
N LYS F 53 1.45 -2.27 3.10
CA LYS F 53 0.40 -1.30 3.35
C LYS F 53 0.20 -1.05 4.84
N LEU F 54 0.26 0.23 5.21
CA LEU F 54 -0.06 0.58 6.59
C LEU F 54 -1.56 0.56 6.89
N GLU F 55 -1.90 0.04 8.08
CA GLU F 55 -3.27 0.09 8.55
C GLU F 55 -3.63 1.52 8.98
N ALA F 56 -4.93 1.75 9.16
CA ALA F 56 -5.43 3.09 9.41
C ALA F 56 -4.88 3.65 10.72
N GLY F 57 -4.40 4.89 10.67
CA GLY F 57 -3.90 5.56 11.85
C GLY F 57 -2.53 5.11 12.34
N VAL F 58 -1.78 4.37 11.52
CA VAL F 58 -0.43 3.96 11.90
C VAL F 58 0.54 5.08 11.51
N PRO F 59 1.46 5.46 12.38
CA PRO F 59 2.33 6.61 12.09
C PRO F 59 3.18 6.40 10.83
N SER F 60 3.71 7.52 10.34
CA SER F 60 4.54 7.49 9.13
C SER F 60 5.86 6.78 9.36
N ARG F 61 6.36 6.78 10.60
CA ARG F 61 7.67 6.20 10.87
C ARG F 61 7.70 4.70 10.68
N PHE F 62 6.54 4.03 10.71
CA PHE F 62 6.47 2.60 10.47
C PHE F 62 6.34 2.32 8.99
N SER F 63 7.15 1.38 8.49
CA SER F 63 7.16 1.06 7.07
C SER F 63 7.55 -0.40 6.89
N GLY F 64 7.22 -0.94 5.74
CA GLY F 64 7.51 -2.33 5.43
C GLY F 64 7.90 -2.50 3.98
N SER F 65 8.76 -3.49 3.73
CA SER F 65 9.22 -3.79 2.39
C SER F 65 9.42 -5.29 2.26
N GLY F 66 9.47 -5.75 1.02
CA GLY F 66 9.78 -7.14 0.75
C GLY F 66 8.79 -7.84 -0.15
N SER F 67 9.24 -8.94 -0.76
CA SER F 67 8.42 -9.79 -1.61
C SER F 67 9.18 -11.07 -1.86
N GLY F 68 8.47 -12.20 -1.91
CA GLY F 68 9.11 -13.49 -2.07
C GLY F 68 9.46 -14.13 -0.75
N THR F 69 10.73 -14.07 -0.35
CA THR F 69 11.19 -14.68 0.89
C THR F 69 11.76 -13.69 1.89
N ASP F 70 12.21 -12.51 1.46
CA ASP F 70 12.96 -11.61 2.33
C ASP F 70 12.17 -10.32 2.55
N PHE F 71 11.88 -10.02 3.82
CA PHE F 71 11.06 -8.88 4.19
C PHE F 71 11.77 -8.10 5.29
N THR F 72 11.48 -6.80 5.36
CA THR F 72 12.04 -5.94 6.39
C THR F 72 10.94 -5.08 6.99
N PHE F 73 11.15 -4.68 8.25
CA PHE F 73 10.27 -3.77 8.97
C PHE F 73 11.11 -2.63 9.52
N THR F 74 10.70 -1.40 9.21
CA THR F 74 11.48 -0.21 9.55
C THR F 74 10.67 0.78 10.36
N ILE F 75 11.28 1.29 11.43
CA ILE F 75 10.80 2.45 12.16
C ILE F 75 11.83 3.55 11.89
N SER F 76 11.41 4.61 11.19
CA SER F 76 12.38 5.59 10.72
C SER F 76 13.10 6.28 11.89
N SER F 77 12.33 6.72 12.89
CA SER F 77 12.89 7.24 14.13
C SER F 77 12.18 6.56 15.30
N LEU F 78 12.94 5.84 16.12
CA LEU F 78 12.37 5.29 17.34
C LEU F 78 11.77 6.38 18.20
N GLN F 79 10.53 6.16 18.61
CA GLN F 79 9.91 6.96 19.63
C GLN F 79 9.80 6.16 20.92
N PRO F 80 9.71 6.82 22.07
CA PRO F 80 9.69 6.07 23.34
C PRO F 80 8.50 5.15 23.50
N GLU F 81 7.34 5.46 22.93
CA GLU F 81 6.21 4.55 22.96
C GLU F 81 6.41 3.28 22.12
N ASP F 82 7.43 3.22 21.28
CA ASP F 82 7.54 2.14 20.31
C ASP F 82 8.15 0.87 20.90
N ILE F 83 8.18 0.75 22.22
CA ILE F 83 8.77 -0.38 22.90
C ILE F 83 7.81 -1.56 22.74
N ALA F 84 8.24 -2.60 22.04
CA ALA F 84 7.32 -3.73 21.84
C ALA F 84 8.07 -4.92 21.27
N THR F 85 7.36 -6.05 21.23
CA THR F 85 7.73 -7.20 20.44
C THR F 85 6.98 -7.14 19.12
N TYR F 86 7.72 -7.16 18.01
CA TYR F 86 7.13 -7.12 16.68
C TYR F 86 7.21 -8.50 16.05
N TYR F 87 6.10 -8.96 15.49
CA TYR F 87 6.01 -10.27 14.85
C TYR F 87 5.64 -10.12 13.39
N CYS F 88 6.33 -10.86 12.53
CA CYS F 88 5.84 -11.07 11.17
C CYS F 88 4.95 -12.31 11.11
N GLN F 89 4.15 -12.39 10.06
CA GLN F 89 3.24 -13.51 9.88
C GLN F 89 2.97 -13.73 8.40
N GLN F 90 3.07 -14.97 7.95
CA GLN F 90 2.59 -15.37 6.63
C GLN F 90 1.17 -15.90 6.78
N TYR F 91 0.28 -15.51 5.86
CA TYR F 91 -1.13 -15.78 6.05
C TYR F 91 -1.86 -16.36 4.84
N ASP F 92 -1.16 -16.65 3.74
CA ASP F 92 -1.83 -17.18 2.55
C ASP F 92 -1.67 -18.68 2.38
N ASN F 93 -0.92 -19.35 3.27
CA ASN F 93 -0.73 -20.79 3.20
C ASN F 93 -1.13 -21.42 4.52
N LEU F 94 -1.72 -22.61 4.43
CA LEU F 94 -2.69 -23.05 5.45
C LEU F 94 -2.13 -23.12 6.86
N PRO F 95 -0.99 -23.78 7.13
CA PRO F 95 -0.40 -23.61 8.46
C PRO F 95 0.09 -22.18 8.62
N LEU F 96 -0.79 -21.30 9.11
CA LEU F 96 -0.45 -19.89 9.28
C LEU F 96 0.62 -19.78 10.38
N THR F 97 1.76 -19.21 10.03
CA THR F 97 2.93 -19.25 10.91
C THR F 97 3.45 -17.85 11.17
N PHE F 98 3.80 -17.60 12.43
CA PHE F 98 4.40 -16.34 12.85
C PHE F 98 5.88 -16.51 13.08
N GLY F 99 6.58 -15.37 13.12
CA GLY F 99 7.95 -15.36 13.59
C GLY F 99 8.01 -15.39 15.10
N GLY F 100 9.19 -15.70 15.62
CA GLY F 100 9.38 -15.72 17.06
C GLY F 100 9.28 -14.36 17.71
N GLY F 101 9.22 -13.29 16.92
CA GLY F 101 9.12 -11.95 17.45
C GLY F 101 10.46 -11.33 17.75
N THR F 102 10.61 -10.04 17.44
CA THR F 102 11.78 -9.26 17.79
C THR F 102 11.35 -8.17 18.75
N LYS F 103 11.86 -8.23 19.98
CA LYS F 103 11.60 -7.18 20.95
C LYS F 103 12.58 -6.02 20.73
N VAL F 104 12.05 -4.80 20.78
CA VAL F 104 12.84 -3.59 20.58
C VAL F 104 12.97 -2.87 21.92
N GLU F 105 14.21 -2.60 22.33
CA GLU F 105 14.53 -1.86 23.54
C GLU F 105 15.16 -0.53 23.15
N ILE F 106 15.00 0.47 24.01
CA ILE F 106 15.67 1.77 23.84
C ILE F 106 16.96 1.82 24.63
N LYS F 107 18.03 2.30 23.98
CA LYS F 107 19.26 2.71 24.63
C LYS F 107 19.09 4.13 25.12
N ARG F 108 19.63 4.38 26.31
CA ARG F 108 19.11 5.42 27.15
C ARG F 108 20.27 5.82 28.04
N THR F 109 20.30 7.06 28.53
CA THR F 109 21.42 7.40 29.41
C THR F 109 21.35 6.60 30.70
N VAL F 110 22.51 6.35 31.32
CA VAL F 110 22.51 5.60 32.59
C VAL F 110 21.75 6.39 33.65
N ALA F 111 20.87 5.70 34.37
CA ALA F 111 20.14 6.28 35.49
C ALA F 111 20.25 5.36 36.68
N ALA F 112 20.65 5.91 37.82
CA ALA F 112 20.78 5.09 39.01
C ALA F 112 19.42 4.84 39.65
N PRO F 113 19.20 3.66 40.20
CA PRO F 113 17.92 3.37 40.83
C PRO F 113 17.71 4.16 42.10
N SER F 114 16.43 4.40 42.41
CA SER F 114 16.04 4.87 43.73
C SER F 114 15.66 3.64 44.55
N VAL F 115 16.33 3.46 45.70
CA VAL F 115 16.15 2.27 46.53
C VAL F 115 15.25 2.63 47.70
N PHE F 116 14.28 1.76 47.96
CA PHE F 116 13.38 1.90 49.09
C PHE F 116 13.20 0.52 49.70
N ILE F 117 13.15 0.44 51.02
CA ILE F 117 12.96 -0.84 51.70
C ILE F 117 11.75 -0.74 52.60
N PHE F 118 10.95 -1.79 52.62
CA PHE F 118 9.68 -1.85 53.34
C PHE F 118 9.73 -3.01 54.32
N PRO F 119 9.65 -2.75 55.63
CA PRO F 119 9.57 -3.85 56.60
C PRO F 119 8.26 -4.60 56.45
N PRO F 120 8.14 -5.78 57.04
CA PRO F 120 6.86 -6.50 56.99
C PRO F 120 5.77 -5.69 57.70
N SER F 121 4.56 -5.74 57.14
CA SER F 121 3.44 -5.07 57.76
C SER F 121 2.90 -5.91 58.91
N ASP F 122 2.41 -5.23 59.96
CA ASP F 122 1.96 -5.94 61.16
C ASP F 122 0.80 -6.88 60.85
N GLU F 123 -0.13 -6.45 60.01
CA GLU F 123 -1.09 -7.37 59.41
C GLU F 123 -0.35 -8.17 58.35
N GLN F 124 0.13 -9.35 58.74
CA GLN F 124 0.88 -10.34 57.97
C GLN F 124 1.79 -11.06 58.93
N LEU F 125 2.50 -10.28 59.76
CA LEU F 125 3.15 -10.84 60.93
C LEU F 125 2.15 -11.61 61.77
N LYS F 126 0.91 -11.13 61.83
CA LYS F 126 -0.17 -11.86 62.50
C LYS F 126 -0.52 -13.15 61.76
N SER F 127 -0.23 -13.24 60.47
CA SER F 127 -0.48 -14.46 59.72
C SER F 127 0.68 -15.44 59.79
N GLY F 128 1.80 -15.06 60.39
CA GLY F 128 2.93 -15.95 60.55
C GLY F 128 3.96 -15.91 59.45
N THR F 129 3.85 -14.96 58.52
CA THR F 129 4.76 -14.83 57.40
C THR F 129 5.24 -13.39 57.33
N ALA F 130 6.52 -13.20 57.02
CA ALA F 130 7.10 -11.86 56.89
C ALA F 130 7.61 -11.68 55.47
N SER F 131 7.15 -10.64 54.79
CA SER F 131 7.60 -10.30 53.45
C SER F 131 8.30 -8.95 53.50
N VAL F 132 9.61 -8.97 53.27
CA VAL F 132 10.42 -7.75 53.19
C VAL F 132 10.62 -7.43 51.72
N VAL F 133 10.18 -6.24 51.30
CA VAL F 133 10.24 -5.83 49.91
C VAL F 133 11.34 -4.79 49.73
N CYS F 134 12.10 -4.92 48.65
CA CYS F 134 13.04 -3.90 48.22
C CYS F 134 12.61 -3.42 46.85
N LEU F 135 12.42 -2.11 46.70
CA LEU F 135 12.03 -1.50 45.44
C LEU F 135 13.21 -0.72 44.87
N LEU F 136 13.53 -0.97 43.61
CA LEU F 136 14.51 -0.21 42.85
C LEU F 136 13.77 0.49 41.73
N ASN F 137 13.75 1.81 41.76
CA ASN F 137 12.83 2.59 40.93
C ASN F 137 13.57 3.37 39.86
N ASN F 138 13.10 3.25 38.62
CA ASN F 138 13.52 4.06 37.47
C ASN F 138 15.04 4.04 37.30
N PHE F 139 15.53 2.90 36.83
CA PHE F 139 16.94 2.74 36.51
C PHE F 139 17.09 2.26 35.07
N TYR F 140 18.26 2.57 34.51
CA TYR F 140 18.71 2.07 33.22
C TYR F 140 20.23 2.05 33.30
N PRO F 141 20.89 1.01 32.78
CA PRO F 141 20.33 -0.20 32.13
C PRO F 141 19.64 -1.13 33.13
N ARG F 142 19.08 -2.25 32.65
CA ARG F 142 18.28 -3.08 33.53
C ARG F 142 19.14 -3.88 34.50
N GLU F 143 20.30 -4.37 34.04
CA GLU F 143 21.14 -5.24 34.84
C GLU F 143 21.49 -4.60 36.18
N ALA F 144 20.88 -5.10 37.26
CA ALA F 144 21.08 -4.59 38.60
C ALA F 144 21.00 -5.75 39.58
N LYS F 145 21.70 -5.63 40.69
CA LYS F 145 21.83 -6.72 41.66
C LYS F 145 21.30 -6.30 43.01
N VAL F 146 20.43 -7.14 43.59
CA VAL F 146 19.87 -6.93 44.91
C VAL F 146 20.39 -8.03 45.82
N GLN F 147 21.13 -7.64 46.86
CA GLN F 147 21.67 -8.58 47.83
C GLN F 147 20.98 -8.35 49.17
N TRP F 148 20.40 -9.40 49.72
CA TRP F 148 19.73 -9.34 51.02
C TRP F 148 20.69 -9.72 52.12
N LYS F 149 20.73 -8.91 53.17
CA LYS F 149 21.53 -9.19 54.35
C LYS F 149 20.65 -9.14 55.59
N VAL F 150 20.74 -10.19 56.41
CA VAL F 150 20.03 -10.27 57.68
C VAL F 150 21.07 -10.52 58.76
N ASP F 151 21.32 -9.52 59.59
CA ASP F 151 22.44 -9.54 60.54
C ASP F 151 23.76 -9.73 59.80
N ASN F 152 23.90 -9.03 58.68
CA ASN F 152 25.09 -9.04 57.83
C ASN F 152 25.48 -10.45 57.35
N ALA F 153 24.49 -11.33 57.25
CA ALA F 153 24.66 -12.63 56.62
C ALA F 153 23.96 -12.60 55.27
N LEU F 154 24.65 -13.00 54.22
CA LEU F 154 24.09 -12.85 52.89
C LEU F 154 23.07 -13.96 52.66
N GLN F 155 21.85 -13.60 52.24
CA GLN F 155 20.75 -14.56 52.18
C GLN F 155 20.48 -14.99 50.74
N SER F 156 20.34 -16.29 50.54
CA SER F 156 20.12 -16.89 49.23
C SER F 156 19.04 -17.96 49.33
N GLY F 157 18.19 -18.05 48.31
CA GLY F 157 17.16 -19.06 48.25
C GLY F 157 15.85 -18.71 48.91
N ASN F 158 15.71 -17.48 49.42
CA ASN F 158 14.51 -17.05 50.13
C ASN F 158 13.94 -15.77 49.55
N SER F 159 14.31 -15.42 48.33
CA SER F 159 13.87 -14.17 47.72
C SER F 159 13.55 -14.39 46.25
N GLN F 160 12.68 -13.54 45.71
CA GLN F 160 12.32 -13.56 44.31
C GLN F 160 12.27 -12.12 43.79
N GLU F 161 12.52 -11.96 42.49
CA GLU F 161 12.58 -10.66 41.87
C GLU F 161 11.60 -10.57 40.71
N SER F 162 11.08 -9.37 40.49
CA SER F 162 10.21 -9.06 39.37
C SER F 162 10.66 -7.73 38.78
N VAL F 163 10.79 -7.68 37.46
CA VAL F 163 11.23 -6.49 36.76
C VAL F 163 10.12 -6.04 35.83
N THR F 164 9.84 -4.73 35.82
CA THR F 164 8.84 -4.22 34.90
C THR F 164 9.42 -4.17 33.49
N GLU F 165 8.54 -3.85 32.53
CA GLU F 165 9.00 -3.57 31.19
C GLU F 165 9.51 -2.14 31.11
N GLN F 166 10.27 -1.86 30.05
CA GLN F 166 10.77 -0.51 29.81
C GLN F 166 9.62 0.47 29.77
N ASP F 167 9.85 1.66 30.30
CA ASP F 167 8.79 2.66 30.41
C ASP F 167 8.55 3.34 29.06
N SER F 168 7.28 3.49 28.71
CA SER F 168 6.91 4.10 27.44
C SER F 168 7.32 5.57 27.34
N LYS F 169 7.67 6.20 28.47
CA LYS F 169 7.97 7.63 28.48
C LYS F 169 9.42 7.94 28.81
N ASP F 170 9.98 7.38 29.88
CA ASP F 170 11.36 7.65 30.24
C ASP F 170 12.30 6.47 29.99
N SER F 171 11.77 5.33 29.52
CA SER F 171 12.58 4.19 29.09
C SER F 171 13.46 3.65 30.21
N THR F 172 12.92 3.57 31.41
CA THR F 172 13.62 2.99 32.55
C THR F 172 12.90 1.73 33.01
N TYR F 173 13.56 1.00 33.91
CA TYR F 173 13.02 -0.20 34.51
C TYR F 173 12.83 0.03 36.01
N SER F 174 12.07 -0.86 36.63
CA SER F 174 11.89 -0.87 38.07
C SER F 174 11.85 -2.31 38.56
N LEU F 175 12.44 -2.54 39.73
CA LEU F 175 12.63 -3.89 40.24
C LEU F 175 12.04 -4.03 41.63
N SER F 176 11.40 -5.17 41.86
CA SER F 176 10.82 -5.52 43.16
C SER F 176 11.42 -6.85 43.61
N SER F 177 12.23 -6.80 44.67
CA SER F 177 12.79 -8.01 45.27
C SER F 177 12.13 -8.23 46.63
N THR F 178 11.60 -9.44 46.83
CA THR F 178 10.81 -9.76 48.01
C THR F 178 11.47 -10.88 48.79
N LEU F 179 11.83 -10.59 50.04
CA LEU F 179 12.36 -11.59 50.96
C LEU F 179 11.20 -12.11 51.82
N THR F 180 10.97 -13.42 51.76
CA THR F 180 9.90 -14.06 52.53
C THR F 180 10.49 -14.97 53.59
N LEU F 181 10.14 -14.71 54.85
CA LEU F 181 10.59 -15.45 56.02
C LEU F 181 9.38 -15.90 56.82
N SER F 182 9.65 -16.69 57.85
CA SER F 182 8.65 -16.98 58.87
C SER F 182 8.63 -15.86 59.90
N LYS F 183 7.50 -15.71 60.58
CA LYS F 183 7.46 -14.81 61.74
C LYS F 183 8.48 -15.25 62.78
N ALA F 184 8.69 -16.57 62.89
CA ALA F 184 9.69 -17.08 63.82
C ALA F 184 11.08 -16.58 63.45
N ASP F 185 11.48 -16.70 62.17
CA ASP F 185 12.84 -16.30 61.85
C ASP F 185 12.97 -14.79 61.78
N TYR F 186 11.88 -14.10 61.41
CA TYR F 186 11.91 -12.64 61.35
C TYR F 186 12.28 -12.04 62.69
N GLU F 187 11.74 -12.59 63.77
CA GLU F 187 11.98 -12.07 65.11
C GLU F 187 13.27 -12.61 65.73
N LYS F 188 13.97 -13.52 65.03
CA LYS F 188 15.28 -13.98 65.46
C LYS F 188 16.40 -13.06 65.02
N HIS F 189 16.11 -12.00 64.27
CA HIS F 189 17.13 -11.12 63.73
C HIS F 189 16.66 -9.68 63.81
N LYS F 190 17.61 -8.76 63.72
CA LYS F 190 17.36 -7.34 63.96
C LYS F 190 17.52 -6.47 62.71
N VAL F 191 18.66 -6.53 62.05
CA VAL F 191 18.98 -5.63 60.94
C VAL F 191 18.67 -6.33 59.63
N TYR F 192 17.75 -5.75 58.85
CA TYR F 192 17.40 -6.24 57.53
C TYR F 192 17.83 -5.21 56.51
N ALA F 193 18.73 -5.60 55.61
CA ALA F 193 19.38 -4.68 54.69
C ALA F 193 19.22 -5.16 53.25
N CYS F 194 19.08 -4.18 52.36
CA CYS F 194 19.02 -4.41 50.92
C CYS F 194 20.18 -3.64 50.29
N GLU F 195 21.11 -4.37 49.69
CA GLU F 195 22.32 -3.77 49.12
C GLU F 195 22.26 -3.87 47.60
N VAL F 196 22.21 -2.72 46.94
CA VAL F 196 21.96 -2.63 45.51
C VAL F 196 23.24 -2.25 44.78
N THR F 197 23.51 -2.94 43.68
CA THR F 197 24.66 -2.65 42.83
C THR F 197 24.15 -2.44 41.41
N HIS F 198 24.68 -1.42 40.74
CA HIS F 198 24.16 -1.01 39.44
C HIS F 198 25.14 -0.08 38.76
N GLN F 199 25.06 -0.03 37.42
CA GLN F 199 25.91 0.85 36.62
C GLN F 199 25.99 2.27 37.18
N GLY F 200 24.85 2.84 37.54
CA GLY F 200 24.79 4.22 37.99
C GLY F 200 25.25 4.46 39.41
N LEU F 201 25.59 3.41 40.15
CA LEU F 201 26.06 3.53 41.53
C LEU F 201 27.54 3.15 41.57
N SER F 202 28.40 4.14 41.83
CA SER F 202 29.84 3.91 41.88
C SER F 202 30.23 2.99 43.03
N SER F 203 29.42 2.95 44.09
CA SER F 203 29.58 2.06 45.22
C SER F 203 28.19 1.59 45.62
N PRO F 204 28.05 0.36 46.14
CA PRO F 204 26.71 -0.15 46.46
C PRO F 204 25.93 0.80 47.36
N VAL F 205 24.62 0.75 47.21
CA VAL F 205 23.70 1.53 48.03
C VAL F 205 22.93 0.56 48.92
N THR F 206 22.93 0.81 50.22
CA THR F 206 22.25 -0.03 51.18
C THR F 206 21.15 0.76 51.88
N LYS F 207 19.95 0.20 51.88
CA LYS F 207 18.86 0.70 52.70
C LYS F 207 18.46 -0.41 53.67
N SER F 208 18.28 -0.04 54.94
CA SER F 208 18.11 -1.03 55.99
C SER F 208 17.07 -0.55 56.99
N PHE F 209 16.63 -1.48 57.83
CA PHE F 209 15.76 -1.17 58.95
C PHE F 209 16.05 -2.15 60.06
N ASN F 210 16.04 -1.66 61.29
CA ASN F 210 16.16 -2.51 62.47
C ASN F 210 14.76 -2.89 62.94
N ARG F 211 14.53 -4.19 63.13
CA ARG F 211 13.18 -4.70 63.37
C ARG F 211 12.57 -4.04 64.60
N GLY F 212 11.30 -3.64 64.47
CA GLY F 212 10.58 -3.07 65.59
C GLY F 212 11.22 -1.84 66.18
N GLU F 213 11.80 -0.99 65.33
CA GLU F 213 12.35 0.30 65.74
C GLU F 213 11.63 1.40 64.98
N CYS F 214 11.12 2.38 65.72
CA CYS F 214 10.27 3.45 65.18
C CYS F 214 10.78 4.04 63.86
#